data_3HRO
# 
_entry.id   3HRO 
# 
_audit_conform.dict_name       mmcif_pdbx.dic 
_audit_conform.dict_version    5.378 
_audit_conform.dict_location   http://mmcif.pdb.org/dictionaries/ascii/mmcif_pdbx.dic 
# 
loop_
_database_2.database_id 
_database_2.database_code 
_database_2.pdbx_database_accession 
_database_2.pdbx_DOI 
PDB   3HRO         pdb_00003hro 10.2210/pdb3hro/pdb 
RCSB  RCSB053500   ?            ?                   
WWPDB D_1000053500 ?            ?                   
# 
_pdbx_database_related.db_name        PDB 
_pdbx_database_related.db_id          3HRN 
_pdbx_database_related.details        . 
_pdbx_database_related.content_type   unspecified 
# 
_pdbx_database_status.entry_id                        3HRO 
_pdbx_database_status.status_code                     REL 
_pdbx_database_status.deposit_site                    RCSB 
_pdbx_database_status.process_site                    RCSB 
_pdbx_database_status.recvd_initial_deposition_date   2009-06-09 
_pdbx_database_status.status_code_sf                  REL 
_pdbx_database_status.status_code_mr                  ? 
_pdbx_database_status.SG_entry                        ? 
_pdbx_database_status.pdb_format_compatible           Y 
_pdbx_database_status.status_code_cs                  ? 
_pdbx_database_status.methods_development_category    ? 
_pdbx_database_status.status_code_nmr_data            ? 
# 
loop_
_audit_author.name 
_audit_author.pdbx_ordinal 
'Yu, Y.'        1 
'Ulbrich, M.H.' 2 
'Li, M.-H.'     3 
'Buraei, Z.'    4 
'Chen, X.-Z.'   5 
'Ong, A.C.M.'   6 
'Tong, L.'      7 
'Isacoff, E.Y.' 8 
'Yang, J.'      9 
# 
_citation.id                        primary 
_citation.title                     'Structural and molecular basis of the assembly of the TRPP2/PKD1 complex.' 
_citation.journal_abbrev            Proc.Natl.Acad.Sci.USA 
_citation.journal_volume            106 
_citation.page_first                11558 
_citation.page_last                 11563 
_citation.year                      2009 
_citation.journal_id_ASTM           PNASA6 
_citation.country                   US 
_citation.journal_id_ISSN           0027-8424 
_citation.journal_id_CSD            0040 
_citation.book_publisher            ? 
_citation.pdbx_database_id_PubMed   19556541 
_citation.pdbx_database_id_DOI      10.1073/pnas.0903684106 
# 
loop_
_citation_author.citation_id 
_citation_author.name 
_citation_author.ordinal 
_citation_author.identifier_ORCID 
primary 'Yu, Y.'        1 ? 
primary 'Ulbrich, M.H.' 2 ? 
primary 'Li, M.H.'      3 ? 
primary 'Buraei, Z.'    4 ? 
primary 'Chen, X.Z.'    5 ? 
primary 'Ong, A.C.'     6 ? 
primary 'Tong, L.'      7 ? 
primary 'Isacoff, E.Y.' 8 ? 
primary 'Yang, J.'      9 ? 
# 
_cell.length_a           32.388 
_cell.length_b           32.388 
_cell.length_c           70.300 
_cell.angle_alpha        90.000 
_cell.angle_beta         90.000 
_cell.angle_gamma        120.000 
_cell.entry_id           3HRO 
_cell.pdbx_unique_axis   ? 
_cell.Z_PDB              6 
_cell.length_a_esd       ? 
_cell.length_b_esd       ? 
_cell.length_c_esd       ? 
_cell.angle_alpha_esd    ? 
_cell.angle_beta_esd     ? 
_cell.angle_gamma_esd    ? 
# 
_symmetry.space_group_name_H-M             'P 63' 
_symmetry.entry_id                         3HRO 
_symmetry.Int_Tables_number                173 
_symmetry.pdbx_full_space_group_name_H-M   ? 
_symmetry.cell_setting                     ? 
_symmetry.space_group_name_Hall            ? 
# 
loop_
_entity.id 
_entity.type 
_entity.src_method 
_entity.pdbx_description 
_entity.formula_weight 
_entity.pdbx_number_of_molecules 
_entity.pdbx_ec 
_entity.pdbx_mutation 
_entity.pdbx_fragment 
_entity.details 
1 polymer man 
;Transient receptor potential (TRP) channel subfamily P member 2 (TRPP2), also called Polycystin-2 or polycystic kidney disease 2(PKD2)
;
5052.893 1  ? ? 'C-terminal of Coiled Coil Domain, UNP residues 833-872' ? 
2 water   nat water 18.015   32 ? ? ?                                                        ? 
# 
_entity_name_com.entity_id   1 
_entity_name_com.name        
;Polycystin-2, Polycystic kidney disease 2 protein, Autosomal dominant polycystic kidney disease type II protein, Polycystwin, R48321
;
# 
_entity_poly.entity_id                      1 
_entity_poly.type                           'polypeptide(L)' 
_entity_poly.nstd_linkage                   no 
_entity_poly.nstd_monomer                   no 
_entity_poly.pdbx_seq_one_letter_code       GSHMGVSYEEFQVLVRRVDRMEHSIGSIVSKIDAVIVKLEIMER 
_entity_poly.pdbx_seq_one_letter_code_can   GSHMGVSYEEFQVLVRRVDRMEHSIGSIVSKIDAVIVKLEIMER 
_entity_poly.pdbx_strand_id                 A 
_entity_poly.pdbx_target_identifier         ? 
# 
loop_
_entity_poly_seq.entity_id 
_entity_poly_seq.num 
_entity_poly_seq.mon_id 
_entity_poly_seq.hetero 
1 1  GLY n 
1 2  SER n 
1 3  HIS n 
1 4  MET n 
1 5  GLY n 
1 6  VAL n 
1 7  SER n 
1 8  TYR n 
1 9  GLU n 
1 10 GLU n 
1 11 PHE n 
1 12 GLN n 
1 13 VAL n 
1 14 LEU n 
1 15 VAL n 
1 16 ARG n 
1 17 ARG n 
1 18 VAL n 
1 19 ASP n 
1 20 ARG n 
1 21 MET n 
1 22 GLU n 
1 23 HIS n 
1 24 SER n 
1 25 ILE n 
1 26 GLY n 
1 27 SER n 
1 28 ILE n 
1 29 VAL n 
1 30 SER n 
1 31 LYS n 
1 32 ILE n 
1 33 ASP n 
1 34 ALA n 
1 35 VAL n 
1 36 ILE n 
1 37 VAL n 
1 38 LYS n 
1 39 LEU n 
1 40 GLU n 
1 41 ILE n 
1 42 MET n 
1 43 GLU n 
1 44 ARG n 
# 
_entity_src_gen.entity_id                          1 
_entity_src_gen.pdbx_src_id                        1 
_entity_src_gen.pdbx_alt_source_flag               sample 
_entity_src_gen.pdbx_seq_type                      ? 
_entity_src_gen.pdbx_beg_seq_num                   ? 
_entity_src_gen.pdbx_end_seq_num                   ? 
_entity_src_gen.gene_src_common_name               human 
_entity_src_gen.gene_src_genus                     ? 
_entity_src_gen.pdbx_gene_src_gene                 PKD2 
_entity_src_gen.gene_src_species                   ? 
_entity_src_gen.gene_src_strain                    ? 
_entity_src_gen.gene_src_tissue                    ? 
_entity_src_gen.gene_src_tissue_fraction           ? 
_entity_src_gen.gene_src_details                   ? 
_entity_src_gen.pdbx_gene_src_fragment             ? 
_entity_src_gen.pdbx_gene_src_scientific_name      'Homo sapiens' 
_entity_src_gen.pdbx_gene_src_ncbi_taxonomy_id     9606 
_entity_src_gen.pdbx_gene_src_variant              ? 
_entity_src_gen.pdbx_gene_src_cell_line            ? 
_entity_src_gen.pdbx_gene_src_atcc                 ? 
_entity_src_gen.pdbx_gene_src_organ                ? 
_entity_src_gen.pdbx_gene_src_organelle            ? 
_entity_src_gen.pdbx_gene_src_cell                 ? 
_entity_src_gen.pdbx_gene_src_cellular_location    ? 
_entity_src_gen.host_org_common_name               ? 
_entity_src_gen.pdbx_host_org_scientific_name      'Escherichia coli' 
_entity_src_gen.pdbx_host_org_ncbi_taxonomy_id     562 
_entity_src_gen.host_org_genus                     ? 
_entity_src_gen.pdbx_host_org_gene                 ? 
_entity_src_gen.pdbx_host_org_organ                ? 
_entity_src_gen.host_org_species                   ? 
_entity_src_gen.pdbx_host_org_tissue               ? 
_entity_src_gen.pdbx_host_org_tissue_fraction      ? 
_entity_src_gen.pdbx_host_org_strain               'Rosetta 2(DE3)' 
_entity_src_gen.pdbx_host_org_variant              ? 
_entity_src_gen.pdbx_host_org_cell_line            ? 
_entity_src_gen.pdbx_host_org_atcc                 ? 
_entity_src_gen.pdbx_host_org_culture_collection   ? 
_entity_src_gen.pdbx_host_org_cell                 ? 
_entity_src_gen.pdbx_host_org_organelle            ? 
_entity_src_gen.pdbx_host_org_cellular_location    ? 
_entity_src_gen.pdbx_host_org_vector_type          plasmid 
_entity_src_gen.pdbx_host_org_vector               ? 
_entity_src_gen.host_org_details                   ? 
_entity_src_gen.expression_system_id               ? 
_entity_src_gen.plasmid_name                       'pET-28a(+)' 
_entity_src_gen.plasmid_details                    ? 
_entity_src_gen.pdbx_description                   ? 
# 
_struct_ref.id                         1 
_struct_ref.db_name                    UNP 
_struct_ref.db_code                    PKD2_HUMAN 
_struct_ref.pdbx_db_accession          Q13563 
_struct_ref.entity_id                  1 
_struct_ref.pdbx_seq_one_letter_code   GVSYEEFQVLVRRVDRMEHSIGSIVSKIDAVIVKLEIMER 
_struct_ref.pdbx_align_begin           833 
_struct_ref.pdbx_db_isoform            ? 
# 
_struct_ref_seq.align_id                      1 
_struct_ref_seq.ref_id                        1 
_struct_ref_seq.pdbx_PDB_id_code              3HRO 
_struct_ref_seq.pdbx_strand_id                A 
_struct_ref_seq.seq_align_beg                 5 
_struct_ref_seq.pdbx_seq_align_beg_ins_code   ? 
_struct_ref_seq.seq_align_end                 44 
_struct_ref_seq.pdbx_seq_align_end_ins_code   ? 
_struct_ref_seq.pdbx_db_accession             Q13563 
_struct_ref_seq.db_align_beg                  833 
_struct_ref_seq.pdbx_db_align_beg_ins_code    ? 
_struct_ref_seq.db_align_end                  872 
_struct_ref_seq.pdbx_db_align_end_ins_code    ? 
_struct_ref_seq.pdbx_auth_seq_align_beg       833 
_struct_ref_seq.pdbx_auth_seq_align_end       872 
# 
loop_
_struct_ref_seq_dif.align_id 
_struct_ref_seq_dif.pdbx_pdb_id_code 
_struct_ref_seq_dif.mon_id 
_struct_ref_seq_dif.pdbx_pdb_strand_id 
_struct_ref_seq_dif.seq_num 
_struct_ref_seq_dif.pdbx_pdb_ins_code 
_struct_ref_seq_dif.pdbx_seq_db_name 
_struct_ref_seq_dif.pdbx_seq_db_accession_code 
_struct_ref_seq_dif.db_mon_id 
_struct_ref_seq_dif.pdbx_seq_db_seq_num 
_struct_ref_seq_dif.details 
_struct_ref_seq_dif.pdbx_auth_seq_num 
_struct_ref_seq_dif.pdbx_ordinal 
1 3HRO GLY A 1 ? UNP Q13563 ? ? 'expression tag' -3 1 
1 3HRO SER A 2 ? UNP Q13563 ? ? 'expression tag' -2 2 
1 3HRO HIS A 3 ? UNP Q13563 ? ? 'expression tag' -1 3 
1 3HRO MET A 4 ? UNP Q13563 ? ? 'expression tag' 0  4 
# 
loop_
_chem_comp.id 
_chem_comp.type 
_chem_comp.mon_nstd_flag 
_chem_comp.name 
_chem_comp.pdbx_synonyms 
_chem_comp.formula 
_chem_comp.formula_weight 
ALA 'L-peptide linking' y ALANINE         ? 'C3 H7 N O2'     89.093  
ARG 'L-peptide linking' y ARGININE        ? 'C6 H15 N4 O2 1' 175.209 
ASP 'L-peptide linking' y 'ASPARTIC ACID' ? 'C4 H7 N O4'     133.103 
GLN 'L-peptide linking' y GLUTAMINE       ? 'C5 H10 N2 O3'   146.144 
GLU 'L-peptide linking' y 'GLUTAMIC ACID' ? 'C5 H9 N O4'     147.129 
GLY 'peptide linking'   y GLYCINE         ? 'C2 H5 N O2'     75.067  
HIS 'L-peptide linking' y HISTIDINE       ? 'C6 H10 N3 O2 1' 156.162 
HOH non-polymer         . WATER           ? 'H2 O'           18.015  
ILE 'L-peptide linking' y ISOLEUCINE      ? 'C6 H13 N O2'    131.173 
LEU 'L-peptide linking' y LEUCINE         ? 'C6 H13 N O2'    131.173 
LYS 'L-peptide linking' y LYSINE          ? 'C6 H15 N2 O2 1' 147.195 
MET 'L-peptide linking' y METHIONINE      ? 'C5 H11 N O2 S'  149.211 
PHE 'L-peptide linking' y PHENYLALANINE   ? 'C9 H11 N O2'    165.189 
SER 'L-peptide linking' y SERINE          ? 'C3 H7 N O3'     105.093 
TYR 'L-peptide linking' y TYROSINE        ? 'C9 H11 N O3'    181.189 
VAL 'L-peptide linking' y VALINE          ? 'C5 H11 N O2'    117.146 
# 
_exptl.crystals_number   1 
_exptl.entry_id          3HRO 
_exptl.method            'X-RAY DIFFRACTION' 
# 
_exptl_crystal.id                    1 
_exptl_crystal.density_Matthews      2.11 
_exptl_crystal.density_meas          ? 
_exptl_crystal.density_percent_sol   41.61 
_exptl_crystal.description           ? 
_exptl_crystal.F_000                 ? 
_exptl_crystal.preparation           ? 
# 
_exptl_crystal_grow.crystal_id      1 
_exptl_crystal_grow.method          'VAPOR DIFFUSION, HANGING DROP' 
_exptl_crystal_grow.pH              4.0 
_exptl_crystal_grow.temp            293 
_exptl_crystal_grow.pdbx_details    'PEG 6000, LiCl, Citric Acid, pH 4.0, vapor diffusion, hanging drop, temperature 293K' 
_exptl_crystal_grow.temp_details    ? 
_exptl_crystal_grow.pdbx_pH_range   ? 
# 
_diffrn.id                     1 
_diffrn.ambient_temp           100 
_diffrn.ambient_temp_details   ? 
_diffrn.crystal_id             1 
# 
_diffrn_detector.diffrn_id              1 
_diffrn_detector.detector               CCD 
_diffrn_detector.type                   'MAR CCD 165 mm' 
_diffrn_detector.pdbx_collection_date   2006-03-16 
_diffrn_detector.details                ? 
# 
_diffrn_radiation.diffrn_id                        1 
_diffrn_radiation.pdbx_diffrn_protocol             'SINGLE WAVELENGTH' 
_diffrn_radiation.monochromator                    'Si 111 CHANNEL' 
_diffrn_radiation.wavelength_id                    1 
_diffrn_radiation.pdbx_monochromatic_or_laue_m_l   M 
_diffrn_radiation.pdbx_scattering_type             x-ray 
# 
_diffrn_radiation_wavelength.id           1 
_diffrn_radiation_wavelength.wavelength   0.97927 
_diffrn_radiation_wavelength.wt           1.0 
# 
_diffrn_source.diffrn_id                   1 
_diffrn_source.source                      SYNCHROTRON 
_diffrn_source.type                        'NSLS BEAMLINE X4C' 
_diffrn_source.pdbx_wavelength_list        0.97927 
_diffrn_source.pdbx_wavelength             ? 
_diffrn_source.pdbx_synchrotron_site       NSLS 
_diffrn_source.pdbx_synchrotron_beamline   X4C 
# 
_reflns.entry_id                     3HRO 
_reflns.d_resolution_high            1.900 
_reflns.d_resolution_low             30.000 
_reflns.number_obs                   3273 
_reflns.pdbx_Rmerge_I_obs            0.052 
_reflns.pdbx_netI_over_sigmaI        32.805 
_reflns.pdbx_chi_squared             1.124 
_reflns.pdbx_redundancy              5.700 
_reflns.percent_possible_obs         98.700 
_reflns.observed_criterion_sigma_F   ? 
_reflns.observed_criterion_sigma_I   -3.0 
_reflns.number_all                   ? 
_reflns.pdbx_Rsym_value              ? 
_reflns.B_iso_Wilson_estimate        ? 
_reflns.R_free_details               ? 
_reflns.limit_h_max                  ? 
_reflns.limit_h_min                  ? 
_reflns.limit_k_max                  ? 
_reflns.limit_k_min                  ? 
_reflns.limit_l_max                  ? 
_reflns.limit_l_min                  ? 
_reflns.observed_criterion_F_max     ? 
_reflns.observed_criterion_F_min     ? 
_reflns.pdbx_scaling_rejects         ? 
_reflns.pdbx_diffrn_id               1 
_reflns.pdbx_ordinal                 1 
# 
_reflns_shell.d_res_high             1.90 
_reflns_shell.d_res_low              1.97 
_reflns_shell.number_measured_obs    ? 
_reflns_shell.number_measured_all    ? 
_reflns_shell.number_unique_obs      ? 
_reflns_shell.Rmerge_I_obs           0.228 
_reflns_shell.meanI_over_sigI_obs    5.1 
_reflns_shell.pdbx_Rsym_value        ? 
_reflns_shell.pdbx_chi_squared       1.226 
_reflns_shell.pdbx_redundancy        3.40 
_reflns_shell.percent_possible_obs   ? 
_reflns_shell.number_unique_all      290 
_reflns_shell.percent_possible_all   92.90 
_reflns_shell.pdbx_diffrn_id         ? 
_reflns_shell.pdbx_ordinal           1 
# 
_refine.entry_id                                 3HRO 
_refine.ls_d_res_high                            1.900 
_refine.ls_d_res_low                             30.000 
_refine.pdbx_ls_sigma_F                          2.0 
_refine.pdbx_data_cutoff_high_absF               ? 
_refine.pdbx_data_cutoff_low_absF                ? 
_refine.ls_percent_reflns_obs                    90.000 
_refine.ls_number_reflns_obs                     2991 
_refine.ls_number_reflns_all                     3190 
_refine.pdbx_ls_cross_valid_method               THROUGHOUT 
_refine.pdbx_R_Free_selection_details            RANDOM 
_refine.details                                  ? 
_refine.ls_R_factor_all                          0.217 
_refine.ls_R_factor_obs                          0.197 
_refine.ls_R_factor_R_work                       0.194 
_refine.ls_wR_factor_R_work                      ? 
_refine.ls_R_factor_R_free                       0.227 
_refine.ls_wR_factor_R_free                      ? 
_refine.ls_percent_reflns_R_free                 8.500 
_refine.ls_number_reflns_R_free                  281 
_refine.ls_R_factor_R_free_error                 ? 
_refine.B_iso_mean                               26.404 
_refine.solvent_model_param_bsol                 56.794 
_refine.solvent_model_param_ksol                 ? 
_refine.pdbx_isotropic_thermal_model             ? 
_refine.aniso_B[1][1]                            5.439 
_refine.aniso_B[2][2]                            5.439 
_refine.aniso_B[3][3]                            -10.877 
_refine.aniso_B[1][2]                            0.000 
_refine.aniso_B[1][3]                            0.000 
_refine.aniso_B[2][3]                            0.000 
_refine.correlation_coeff_Fo_to_Fc               ? 
_refine.correlation_coeff_Fo_to_Fc_free          ? 
_refine.overall_SU_R_Cruickshank_DPI             ? 
_refine.overall_SU_R_free                        ? 
_refine.pdbx_overall_ESU_R                       ? 
_refine.pdbx_overall_ESU_R_Free                  ? 
_refine.overall_SU_ML                            ? 
_refine.overall_SU_B                             ? 
_refine.solvent_model_details                    ? 
_refine.pdbx_solvent_vdw_probe_radii             ? 
_refine.pdbx_solvent_ion_probe_radii             ? 
_refine.pdbx_solvent_shrinkage_radii             ? 
_refine.ls_number_parameters                     ? 
_refine.ls_number_restraints                     ? 
_refine.pdbx_starting_model                      'PDB ENTRY 1ZIJ' 
_refine.pdbx_method_to_determine_struct          'MOLECULAR REPLACEMENT' 
_refine.pdbx_stereochemistry_target_values       'Engh & Huber' 
_refine.pdbx_stereochem_target_val_spec_case     ? 
_refine.overall_FOM_work_R_set                   0.872 
_refine.B_iso_max                                52.47 
_refine.B_iso_min                                14.36 
_refine.occupancy_max                            1.00 
_refine.occupancy_min                            1.00 
_refine.pdbx_ls_sigma_I                          ? 
_refine.ls_redundancy_reflns_obs                 ? 
_refine.ls_R_factor_R_free_error_details         ? 
_refine.pdbx_data_cutoff_high_rms_absF           ? 
_refine.overall_FOM_free_R_set                   ? 
_refine.pdbx_overall_phase_error                 ? 
_refine.pdbx_refine_id                           'X-RAY DIFFRACTION' 
_refine.pdbx_diffrn_id                           1 
_refine.pdbx_TLS_residual_ADP_flag               ? 
_refine.pdbx_overall_SU_R_free_Cruickshank_DPI   ? 
_refine.pdbx_overall_SU_R_Blow_DPI               ? 
_refine.pdbx_overall_SU_R_free_Blow_DPI          ? 
# 
_refine_hist.pdbx_refine_id                   'X-RAY DIFFRACTION' 
_refine_hist.cycle_id                         LAST 
_refine_hist.pdbx_number_atoms_protein        299 
_refine_hist.pdbx_number_atoms_nucleic_acid   0 
_refine_hist.pdbx_number_atoms_ligand         0 
_refine_hist.number_atoms_solvent             32 
_refine_hist.number_atoms_total               331 
_refine_hist.d_res_high                       1.900 
_refine_hist.d_res_low                        30.000 
# 
loop_
_refine_ls_restr.type 
_refine_ls_restr.number 
_refine_ls_restr.dev_ideal 
_refine_ls_restr.dev_ideal_target 
_refine_ls_restr.weight 
_refine_ls_restr.pdbx_refine_id 
_refine_ls_restr.pdbx_restraint_function 
c_bond_d     ? 0.012 ?     ? 'X-RAY DIFFRACTION' ? 
c_angle_d    ? 1.227 ?     ? 'X-RAY DIFFRACTION' ? 
c_mcbond_it  ? 1.486 1.500 ? 'X-RAY DIFFRACTION' ? 
c_scbond_it  ? 3.079 2.000 ? 'X-RAY DIFFRACTION' ? 
c_mcangle_it ? 2.131 2.000 ? 'X-RAY DIFFRACTION' ? 
c_scangle_it ? 4.331 2.500 ? 'X-RAY DIFFRACTION' ? 
# 
loop_
_pdbx_xplor_file.serial_no 
_pdbx_xplor_file.param_file 
_pdbx_xplor_file.topol_file 
_pdbx_xplor_file.pdbx_refine_id 
1 CNS_TOPPAR:protein_rep.param CNS_TOPPAR:protein.top 'X-RAY DIFFRACTION' 
2 CNS_TOPPAR:dna-rna_rep.param CNS_TOPPAR:dna-rna.top 'X-RAY DIFFRACTION' 
3 CNS_TOPPAR:water_rep.param   CNS_TOPPAR:water.top   'X-RAY DIFFRACTION' 
4 CNS_TOPPAR:ion.param         CNS_TOPPAR:ion.top     'X-RAY DIFFRACTION' 
# 
_struct.entry_id                  3HRO 
_struct.title                     
;Crystal structure of a C-terminal coiled coil domain of Transient receptor potential (TRP) channel subfamily P member 2 (TRPP2, polycystic kidney disease 2)
;
_struct.pdbx_model_details        ? 
_struct.pdbx_CASP_flag            ? 
_struct.pdbx_model_type_details   ? 
# 
_struct_keywords.entry_id        3HRO 
_struct_keywords.text            
;coiled coil, helix bundle, trimer, Calcium, Disease mutation, Glycoprotein, Ion transport, Ionic channel, Membrane, Phosphoprotein, Polymorphism, Transmembrane, Transport, TRANSPORT PROTEIN
;
_struct_keywords.pdbx_keywords   'TRANSPORT PROTEIN' 
# 
loop_
_struct_asym.id 
_struct_asym.pdbx_blank_PDB_chainid_flag 
_struct_asym.pdbx_modified 
_struct_asym.entity_id 
_struct_asym.details 
A N N 1 ? 
B N N 2 ? 
# 
_struct_biol.id        1 
_struct_biol.details   ? 
# 
_struct_conf.conf_type_id            HELX_P 
_struct_conf.id                      HELX_P1 
_struct_conf.pdbx_PDB_helix_id       1 
_struct_conf.beg_label_comp_id       SER 
_struct_conf.beg_label_asym_id       A 
_struct_conf.beg_label_seq_id        7 
_struct_conf.pdbx_beg_PDB_ins_code   ? 
_struct_conf.end_label_comp_id       ILE 
_struct_conf.end_label_asym_id       A 
_struct_conf.end_label_seq_id        41 
_struct_conf.pdbx_end_PDB_ins_code   ? 
_struct_conf.beg_auth_comp_id        SER 
_struct_conf.beg_auth_asym_id        A 
_struct_conf.beg_auth_seq_id         835 
_struct_conf.end_auth_comp_id        ILE 
_struct_conf.end_auth_asym_id        A 
_struct_conf.end_auth_seq_id         869 
_struct_conf.pdbx_PDB_helix_class    1 
_struct_conf.details                 ? 
_struct_conf.pdbx_PDB_helix_length   35 
# 
_struct_conf_type.id          HELX_P 
_struct_conf_type.criteria    ? 
_struct_conf_type.reference   ? 
# 
_atom_sites.entry_id                    3HRO 
_atom_sites.fract_transf_matrix[1][1]   -0.02563762 
_atom_sites.fract_transf_matrix[1][2]   -0.01838017 
_atom_sites.fract_transf_matrix[1][3]   0.01661250 
_atom_sites.fract_transf_matrix[2][1]   -0.02904531 
_atom_sites.fract_transf_matrix[2][2]   -0.01027713 
_atom_sites.fract_transf_matrix[2][3]   -0.01793923 
_atom_sites.fract_transf_matrix[3][1]   0.00646714 
_atom_sites.fract_transf_matrix[3][2]   -0.01217863 
_atom_sites.fract_transf_matrix[3][3]   -0.00349395 
_atom_sites.fract_transf_vector[1]      0.180391 
_atom_sites.fract_transf_vector[2]      0.688121 
_atom_sites.fract_transf_vector[3]      0.651899 
# 
loop_
_atom_type.symbol 
C 
N 
O 
S 
# 
loop_
_atom_site.group_PDB 
_atom_site.id 
_atom_site.type_symbol 
_atom_site.label_atom_id 
_atom_site.label_alt_id 
_atom_site.label_comp_id 
_atom_site.label_asym_id 
_atom_site.label_entity_id 
_atom_site.label_seq_id 
_atom_site.pdbx_PDB_ins_code 
_atom_site.Cartn_x 
_atom_site.Cartn_y 
_atom_site.Cartn_z 
_atom_site.occupancy 
_atom_site.B_iso_or_equiv 
_atom_site.pdbx_formal_charge 
_atom_site.auth_seq_id 
_atom_site.auth_comp_id 
_atom_site.auth_asym_id 
_atom_site.auth_atom_id 
_atom_site.pdbx_PDB_model_num 
ATOM   1   N N   . VAL A 1 6  ? 7.626   -26.241 -2.012  1.00 30.36 ? 834 VAL A N   1 
ATOM   2   C CA  . VAL A 1 6  ? 6.985   -25.001 -2.563  1.00 29.54 ? 834 VAL A CA  1 
ATOM   3   C C   . VAL A 1 6  ? 7.571   -24.603 -3.911  1.00 29.90 ? 834 VAL A C   1 
ATOM   4   O O   . VAL A 1 6  ? 8.758   -24.283 -4.023  1.00 30.54 ? 834 VAL A O   1 
ATOM   5   C CB  . VAL A 1 6  ? 7.129   -23.811 -1.595  1.00 30.04 ? 834 VAL A CB  1 
ATOM   6   C CG1 . VAL A 1 6  ? 6.649   -22.515 -2.269  1.00 28.67 ? 834 VAL A CG1 1 
ATOM   7   C CG2 . VAL A 1 6  ? 6.313   -24.081 -0.332  1.00 31.39 ? 834 VAL A CG2 1 
ATOM   8   N N   . SER A 1 7  ? 6.722   -24.585 -4.931  1.00 28.67 ? 835 SER A N   1 
ATOM   9   C CA  . SER A 1 7  ? 7.156   -24.260 -6.278  1.00 27.60 ? 835 SER A CA  1 
ATOM   10  C C   . SER A 1 7  ? 7.245   -22.766 -6.544  1.00 26.38 ? 835 SER A C   1 
ATOM   11  O O   . SER A 1 7  ? 6.657   -21.954 -5.826  1.00 24.06 ? 835 SER A O   1 
ATOM   12  C CB  . SER A 1 7  ? 6.196   -24.884 -7.290  1.00 28.68 ? 835 SER A CB  1 
ATOM   13  O OG  . SER A 1 7  ? 4.930   -24.269 -7.174  1.00 31.63 ? 835 SER A OG  1 
ATOM   14  N N   . TYR A 1 8  ? 7.999   -22.430 -7.587  1.00 25.60 ? 836 TYR A N   1 
ATOM   15  C CA  . TYR A 1 8  ? 8.193   -21.053 -8.010  1.00 27.45 ? 836 TYR A CA  1 
ATOM   16  C C   . TYR A 1 8  ? 6.879   -20.356 -8.331  1.00 26.08 ? 836 TYR A C   1 
ATOM   17  O O   . TYR A 1 8  ? 6.665   -19.225 -7.911  1.00 25.68 ? 836 TYR A O   1 
ATOM   18  C CB  . TYR A 1 8  ? 9.097   -21.019 -9.241  1.00 31.48 ? 836 TYR A CB  1 
ATOM   19  C CG  . TYR A 1 8  ? 9.088   -19.710 -10.001 1.00 35.96 ? 836 TYR A CG  1 
ATOM   20  C CD1 . TYR A 1 8  ? 8.141   -19.461 -11.004 1.00 36.34 ? 836 TYR A CD1 1 
ATOM   21  C CD2 . TYR A 1 8  ? 10.029  -18.718 -9.716  1.00 36.85 ? 836 TYR A CD2 1 
ATOM   22  C CE1 . TYR A 1 8  ? 8.140   -18.244 -11.704 1.00 40.57 ? 836 TYR A CE1 1 
ATOM   23  C CE2 . TYR A 1 8  ? 10.037  -17.510 -10.402 1.00 39.10 ? 836 TYR A CE2 1 
ATOM   24  C CZ  . TYR A 1 8  ? 9.092   -17.276 -11.392 1.00 39.41 ? 836 TYR A CZ  1 
ATOM   25  O OH  . TYR A 1 8  ? 9.093   -16.060 -12.044 1.00 43.08 ? 836 TYR A OH  1 
ATOM   26  N N   . GLU A 1 9  ? 6.006   -21.027 -9.077  1.00 24.15 ? 837 GLU A N   1 
ATOM   27  C CA  . GLU A 1 9  ? 4.729   -20.430 -9.465  1.00 25.94 ? 837 GLU A CA  1 
ATOM   28  C C   . GLU A 1 9  ? 3.905   -19.954 -8.290  1.00 22.83 ? 837 GLU A C   1 
ATOM   29  O O   . GLU A 1 9  ? 3.446   -18.821 -8.284  1.00 22.26 ? 837 GLU A O   1 
ATOM   30  C CB  . GLU A 1 9  ? 3.884   -21.416 -10.281 1.00 30.03 ? 837 GLU A CB  1 
ATOM   31  C CG  . GLU A 1 9  ? 4.334   -21.599 -11.705 1.00 37.93 ? 837 GLU A CG  1 
ATOM   32  C CD  . GLU A 1 9  ? 3.636   -22.779 -12.371 1.00 41.84 ? 837 GLU A CD  1 
ATOM   33  O OE1 . GLU A 1 9  ? 3.707   -23.898 -11.817 1.00 44.69 ? 837 GLU A OE1 1 
ATOM   34  O OE2 . GLU A 1 9  ? 3.022   -22.586 -13.443 1.00 45.33 ? 837 GLU A OE2 1 
ATOM   35  N N   . GLU A 1 10 ? 3.718   -20.810 -7.295  1.00 21.41 ? 838 GLU A N   1 
ATOM   36  C CA  . GLU A 1 10 ? 2.921   -20.406 -6.146  1.00 21.96 ? 838 GLU A CA  1 
ATOM   37  C C   . GLU A 1 10 ? 3.613   -19.310 -5.349  1.00 18.61 ? 838 GLU A C   1 
ATOM   38  O O   . GLU A 1 10 ? 2.958   -18.404 -4.860  1.00 16.86 ? 838 GLU A O   1 
ATOM   39  C CB  . GLU A 1 10 ? 2.620   -21.607 -5.242  1.00 22.91 ? 838 GLU A CB  1 
ATOM   40  C CG  . GLU A 1 10 ? 3.784   -22.198 -4.516  1.00 27.21 ? 838 GLU A CG  1 
ATOM   41  C CD  . GLU A 1 10 ? 3.395   -23.472 -3.789  1.00 27.79 ? 838 GLU A CD  1 
ATOM   42  O OE1 . GLU A 1 10 ? 2.379   -23.468 -3.065  1.00 28.56 ? 838 GLU A OE1 1 
ATOM   43  O OE2 . GLU A 1 10 ? 4.108   -24.480 -3.953  1.00 34.30 ? 838 GLU A OE2 1 
ATOM   44  N N   . PHE A 1 11 ? 4.937   -19.387 -5.236  1.00 18.51 ? 839 PHE A N   1 
ATOM   45  C CA  . PHE A 1 11 ? 5.681   -18.366 -4.494  1.00 19.53 ? 839 PHE A CA  1 
ATOM   46  C C   . PHE A 1 11 ? 5.522   -17.014 -5.197  1.00 20.03 ? 839 PHE A C   1 
ATOM   47  O O   . PHE A 1 11 ? 5.292   -16.003 -4.537  1.00 19.73 ? 839 PHE A O   1 
ATOM   48  C CB  . PHE A 1 11 ? 7.160   -18.766 -4.382  1.00 19.66 ? 839 PHE A CB  1 
ATOM   49  C CG  . PHE A 1 11 ? 8.019   -17.762 -3.638  1.00 21.95 ? 839 PHE A CG  1 
ATOM   50  C CD1 . PHE A 1 11 ? 8.948   -16.984 -4.317  1.00 23.51 ? 839 PHE A CD1 1 
ATOM   51  C CD2 . PHE A 1 11 ? 7.889   -17.591 -2.268  1.00 21.89 ? 839 PHE A CD2 1 
ATOM   52  C CE1 . PHE A 1 11 ? 9.739   -16.045 -3.627  1.00 25.50 ? 839 PHE A CE1 1 
ATOM   53  C CE2 . PHE A 1 11 ? 8.671   -16.656 -1.571  1.00 22.78 ? 839 PHE A CE2 1 
ATOM   54  C CZ  . PHE A 1 11 ? 9.592   -15.886 -2.247  1.00 24.84 ? 839 PHE A CZ  1 
ATOM   55  N N   . GLN A 1 12 ? 5.608   -16.989 -6.533  1.00 18.88 ? 840 GLN A N   1 
ATOM   56  C CA  . GLN A 1 12 ? 5.439   -15.727 -7.264  1.00 20.46 ? 840 GLN A CA  1 
ATOM   57  C C   . GLN A 1 12 ? 4.056   -15.134 -7.103  1.00 19.59 ? 840 GLN A C   1 
ATOM   58  O O   . GLN A 1 12 ? 3.899   -13.934 -7.134  1.00 20.66 ? 840 GLN A O   1 
ATOM   59  C CB  . GLN A 1 12 ? 5.762   -15.900 -8.749  1.00 21.89 ? 840 GLN A CB  1 
ATOM   60  C CG  . GLN A 1 12 ? 7.259   -16.031 -8.981  1.00 27.23 ? 840 GLN A CG  1 
ATOM   61  C CD  . GLN A 1 12 ? 8.006   -14.737 -8.681  1.00 27.45 ? 840 GLN A CD  1 
ATOM   62  O OE1 . GLN A 1 12 ? 7.558   -13.659 -9.058  1.00 31.18 ? 840 GLN A OE1 1 
ATOM   63  N NE2 . GLN A 1 12 ? 9.154   -14.843 -8.015  1.00 32.67 ? 840 GLN A NE2 1 
ATOM   64  N N   . VAL A 1 13 ? 3.045   -15.971 -6.936  1.00 19.42 ? 841 VAL A N   1 
ATOM   65  C CA  . VAL A 1 13 ? 1.706   -15.444 -6.706  1.00 18.99 ? 841 VAL A CA  1 
ATOM   66  C C   . VAL A 1 13 ? 1.744   -14.562 -5.453  1.00 19.20 ? 841 VAL A C   1 
ATOM   67  O O   . VAL A 1 13 ? 1.167   -13.474 -5.425  1.00 17.62 ? 841 VAL A O   1 
ATOM   68  C CB  . VAL A 1 13 ? 0.690   -16.583 -6.460  1.00 17.65 ? 841 VAL A CB  1 
ATOM   69  C CG1 . VAL A 1 13 ? -0.612  -16.013 -5.929  1.00 20.68 ? 841 VAL A CG1 1 
ATOM   70  C CG2 . VAL A 1 13 ? 0.433   -17.363 -7.781  1.00 19.62 ? 841 VAL A CG2 1 
ATOM   71  N N   . LEU A 1 14 ? 2.444   -15.029 -4.423  1.00 17.02 ? 842 LEU A N   1 
ATOM   72  C CA  . LEU A 1 14 ? 2.505   -14.288 -3.176  1.00 15.86 ? 842 LEU A CA  1 
ATOM   73  C C   . LEU A 1 14 ? 3.376   -13.043 -3.302  1.00 15.93 ? 842 LEU A C   1 
ATOM   74  O O   . LEU A 1 14 ? 3.029   -12.007 -2.767  1.00 14.36 ? 842 LEU A O   1 
ATOM   75  C CB  . LEU A 1 14 ? 3.000   -15.194 -2.039  1.00 15.27 ? 842 LEU A CB  1 
ATOM   76  C CG  . LEU A 1 14 ? 2.640   -14.672 -0.643  1.00 17.35 ? 842 LEU A CG  1 
ATOM   77  C CD1 . LEU A 1 14 ? 1.079   -14.542 -0.503  1.00 15.53 ? 842 LEU A CD1 1 
ATOM   78  C CD2 . LEU A 1 14 ? 3.211   -15.623 0.422   1.00 16.35 ? 842 LEU A CD2 1 
ATOM   79  N N   . VAL A 1 15 ? 4.483   -13.144 -4.034  1.00 17.55 ? 843 VAL A N   1 
ATOM   80  C CA  . VAL A 1 15 ? 5.376   -12.008 -4.253  1.00 17.76 ? 843 VAL A CA  1 
ATOM   81  C C   . VAL A 1 15 ? 4.601   -10.899 -4.977  1.00 19.36 ? 843 VAL A C   1 
ATOM   82  O O   . VAL A 1 15 ? 4.704   -9.716  -4.630  1.00 19.18 ? 843 VAL A O   1 
ATOM   83  C CB  . VAL A 1 15 ? 6.600   -12.414 -5.126  1.00 17.36 ? 843 VAL A CB  1 
ATOM   84  C CG1 . VAL A 1 15 ? 7.465   -11.186 -5.445  1.00 19.62 ? 843 VAL A CG1 1 
ATOM   85  C CG2 . VAL A 1 15 ? 7.414   -13.469 -4.419  1.00 15.27 ? 843 VAL A CG2 1 
ATOM   86  N N   . ARG A 1 16 ? 3.818   -11.282 -5.984  1.00 20.24 ? 844 ARG A N   1 
ATOM   87  C CA  . ARG A 1 16 ? 3.019   -10.314 -6.739  1.00 20.30 ? 844 ARG A CA  1 
ATOM   88  C C   . ARG A 1 16 ? 2.008   -9.624  -5.852  1.00 18.42 ? 844 ARG A C   1 
ATOM   89  O O   . ARG A 1 16 ? 1.785   -8.424  -5.982  1.00 18.82 ? 844 ARG A O   1 
ATOM   90  C CB  . ARG A 1 16 ? 2.250   -11.001 -7.872  1.00 23.91 ? 844 ARG A CB  1 
ATOM   91  C CG  . ARG A 1 16 ? 2.985   -11.039 -9.188  1.00 28.98 ? 844 ARG A CG  1 
ATOM   92  C CD  . ARG A 1 16 ? 2.095   -11.664 -10.268 1.00 33.43 ? 844 ARG A CD  1 
ATOM   93  N NE  . ARG A 1 16 ? 2.253   -13.114 -10.341 1.00 37.26 ? 844 ARG A NE  1 
ATOM   94  C CZ  . ARG A 1 16 ? 1.265   -14.001 -10.228 1.00 40.09 ? 844 ARG A CZ  1 
ATOM   95  N NH1 . ARG A 1 16 ? 0.009   -13.607 -10.018 1.00 39.34 ? 844 ARG A NH1 1 
ATOM   96  N NH2 . ARG A 1 16 ? 1.537   -15.292 -10.359 1.00 39.50 ? 844 ARG A NH2 1 
ATOM   97  N N   . ARG A 1 17 ? 1.386   -10.383 -4.952  1.00 17.29 ? 845 ARG A N   1 
ATOM   98  C CA  . ARG A 1 17 ? 0.390   -9.832  -4.037  1.00 17.04 ? 845 ARG A CA  1 
ATOM   99  C C   . ARG A 1 17 ? 0.989   -8.861  -3.035  1.00 15.99 ? 845 ARG A C   1 
ATOM   100 O O   . ARG A 1 17 ? 0.387   -7.827  -2.739  1.00 15.97 ? 845 ARG A O   1 
ATOM   101 C CB  . ARG A 1 17 ? -0.346  -10.937 -3.265  1.00 18.82 ? 845 ARG A CB  1 
ATOM   102 C CG  . ARG A 1 17 ? -1.435  -10.368 -2.329  1.00 20.48 ? 845 ARG A CG  1 
ATOM   103 C CD  . ARG A 1 17 ? -2.327  -9.329  -3.055  1.00 25.84 ? 845 ARG A CD  1 
ATOM   104 N NE  . ARG A 1 17 ? -2.844  -9.822  -4.342  1.00 29.10 ? 845 ARG A NE  1 
ATOM   105 C CZ  . ARG A 1 17 ? -3.965  -10.529 -4.489  1.00 31.98 ? 845 ARG A CZ  1 
ATOM   106 N NH1 . ARG A 1 17 ? -4.706  -10.831 -3.431  1.00 32.22 ? 845 ARG A NH1 1 
ATOM   107 N NH2 . ARG A 1 17 ? -4.350  -10.938 -5.696  1.00 31.85 ? 845 ARG A NH2 1 
ATOM   108 N N   . VAL A 1 18 ? 2.152   -9.202  -2.496  1.00 16.97 ? 846 VAL A N   1 
ATOM   109 C CA  . VAL A 1 18 ? 2.857   -8.326  -1.548  1.00 15.24 ? 846 VAL A CA  1 
ATOM   110 C C   . VAL A 1 18 ? 3.229   -7.046  -2.277  1.00 16.17 ? 846 VAL A C   1 
ATOM   111 O O   . VAL A 1 18 ? 3.032   -5.961  -1.761  1.00 15.61 ? 846 VAL A O   1 
ATOM   112 C CB  . VAL A 1 18 ? 4.126   -9.007  -1.016  1.00 16.84 ? 846 VAL A CB  1 
ATOM   113 C CG1 . VAL A 1 18 ? 5.086   -7.991  -0.386  1.00 15.83 ? 846 VAL A CG1 1 
ATOM   114 C CG2 . VAL A 1 18 ? 3.717   -10.021 0.004   1.00 17.47 ? 846 VAL A CG2 1 
ATOM   115 N N   . ASP A 1 19 ? 3.748   -7.154  -3.490  1.00 18.04 ? 847 ASP A N   1 
ATOM   116 C CA  . ASP A 1 19 ? 4.075   -5.930  -4.209  1.00 20.85 ? 847 ASP A CA  1 
ATOM   117 C C   . ASP A 1 19 ? 2.806   -5.093  -4.398  1.00 20.62 ? 847 ASP A C   1 
ATOM   118 O O   . ASP A 1 19 ? 2.817   -3.863  -4.241  1.00 19.73 ? 847 ASP A O   1 
ATOM   119 C CB  . ASP A 1 19 ? 4.719   -6.261  -5.558  1.00 25.38 ? 847 ASP A CB  1 
ATOM   120 C CG  . ASP A 1 19 ? 5.228   -5.014  -6.281  1.00 30.99 ? 847 ASP A CG  1 
ATOM   121 O OD1 . ASP A 1 19 ? 6.011   -4.251  -5.673  1.00 32.02 ? 847 ASP A OD1 1 
ATOM   122 O OD2 . ASP A 1 19 ? 4.845   -4.802  -7.451  1.00 33.17 ? 847 ASP A OD2 1 
ATOM   123 N N   . ARG A 1 20 ? 1.691   -5.746  -4.706  1.00 20.68 ? 848 ARG A N   1 
ATOM   124 C CA  . ARG A 1 20 ? 0.466   -4.990  -4.897  1.00 22.49 ? 848 ARG A CA  1 
ATOM   125 C C   . ARG A 1 20 ? 0.069   -4.265  -3.618  1.00 23.87 ? 848 ARG A C   1 
ATOM   126 O O   . ARG A 1 20 ? -0.331  -3.090  -3.649  1.00 22.22 ? 848 ARG A O   1 
ATOM   127 C CB  . ARG A 1 20 ? -0.677  -5.895  -5.331  1.00 24.55 ? 848 ARG A CB  1 
ATOM   128 C CG  . ARG A 1 20 ? -1.913  -5.097  -5.726  1.00 30.07 ? 848 ARG A CG  1 
ATOM   129 C CD  . ARG A 1 20 ? -3.101  -5.509  -4.891  1.00 33.43 ? 848 ARG A CD  1 
ATOM   130 N NE  . ARG A 1 20 ? -3.813  -6.625  -5.488  1.00 35.11 ? 848 ARG A NE  1 
ATOM   131 C CZ  . ARG A 1 20 ? -4.825  -7.262  -4.909  1.00 35.39 ? 848 ARG A CZ  1 
ATOM   132 N NH1 . ARG A 1 20 ? -5.243  -6.901  -3.707  1.00 38.61 ? 848 ARG A NH1 1 
ATOM   133 N NH2 . ARG A 1 20 ? -5.432  -8.248  -5.551  1.00 38.02 ? 848 ARG A NH2 1 
ATOM   134 N N   . MET A 1 21 ? 0.170   -4.972  -2.494  1.00 21.87 ? 849 MET A N   1 
ATOM   135 C CA  . MET A 1 21 ? -0.169  -4.401  -1.207  1.00 21.75 ? 849 MET A CA  1 
ATOM   136 C C   . MET A 1 21 ? 0.734   -3.250  -0.818  1.00 19.25 ? 849 MET A C   1 
ATOM   137 O O   . MET A 1 21 ? 0.293   -2.336  -0.142  1.00 18.12 ? 849 MET A O   1 
ATOM   138 C CB  . MET A 1 21 ? -0.127  -5.473  -0.116  1.00 23.47 ? 849 MET A CB  1 
ATOM   139 C CG  . MET A 1 21 ? -1.218  -6.503  -0.298  1.00 25.79 ? 849 MET A CG  1 
ATOM   140 S SD  . MET A 1 21 ? -0.924  -7.911  0.755   1.00 33.07 ? 849 MET A SD  1 
ATOM   141 C CE  . MET A 1 21 ? -1.056  -7.169  2.301   1.00 19.53 ? 849 MET A CE  1 
ATOM   142 N N   . GLU A 1 22 ? 1.996   -3.277  -1.224  1.00 20.01 ? 850 GLU A N   1 
ATOM   143 C CA  . GLU A 1 22 ? 2.861   -2.152  -0.889  1.00 21.19 ? 850 GLU A CA  1 
ATOM   144 C C   . GLU A 1 22 ? 2.320   -0.903  -1.587  1.00 21.94 ? 850 GLU A C   1 
ATOM   145 O O   . GLU A 1 22 ? 2.423   0.210   -1.066  1.00 20.77 ? 850 GLU A O   1 
ATOM   146 C CB  . GLU A 1 22 ? 4.285   -2.404  -1.368  1.00 24.30 ? 850 GLU A CB  1 
ATOM   147 C CG  . GLU A 1 22 ? 4.930   -3.636  -0.786  1.00 28.62 ? 850 GLU A CG  1 
ATOM   148 C CD  . GLU A 1 22 ? 6.369   -3.792  -1.279  1.00 28.81 ? 850 GLU A CD  1 
ATOM   149 O OE1 . GLU A 1 22 ? 6.579   -3.764  -2.504  1.00 31.27 ? 850 GLU A OE1 1 
ATOM   150 O OE2 . GLU A 1 22 ? 7.277   -3.934  -0.446  1.00 30.68 ? 850 GLU A OE2 1 
ATOM   151 N N   . HIS A 1 23 ? 1.751   -1.090  -2.775  1.00 22.88 ? 851 HIS A N   1 
ATOM   152 C CA  . HIS A 1 23 ? 1.207   0.034   -3.536  1.00 25.64 ? 851 HIS A CA  1 
ATOM   153 C C   . HIS A 1 23 ? -0.051  0.538   -2.860  1.00 25.80 ? 851 HIS A C   1 
ATOM   154 O O   . HIS A 1 23 ? -0.266  1.747   -2.747  1.00 25.18 ? 851 HIS A O   1 
ATOM   155 C CB  . HIS A 1 23 ? 0.936   -0.399  -4.979  1.00 29.90 ? 851 HIS A CB  1 
ATOM   156 C CG  . HIS A 1 23 ? 2.169   -0.872  -5.685  1.00 32.16 ? 851 HIS A CG  1 
ATOM   157 N ND1 . HIS A 1 23 ? 2.139   -1.522  -6.899  1.00 36.00 ? 851 HIS A ND1 1 
ATOM   158 C CD2 . HIS A 1 23 ? 3.475   -0.795  -5.334  1.00 35.49 ? 851 HIS A CD2 1 
ATOM   159 C CE1 . HIS A 1 23 ? 3.374   -1.827  -7.266  1.00 36.30 ? 851 HIS A CE1 1 
ATOM   160 N NE2 . HIS A 1 23 ? 4.202   -1.395  -6.332  1.00 36.86 ? 851 HIS A NE2 1 
ATOM   161 N N   . SER A 1 24 ? -0.873  -0.397  -2.395  1.00 23.70 ? 852 SER A N   1 
ATOM   162 C CA  . SER A 1 24 ? -2.087  -0.063  -1.672  1.00 24.12 ? 852 SER A CA  1 
ATOM   163 C C   . SER A 1 24 ? -1.721  0.704   -0.393  1.00 21.66 ? 852 SER A C   1 
ATOM   164 O O   . SER A 1 24 ? -2.363  1.685   -0.047  1.00 23.39 ? 852 SER A O   1 
ATOM   165 C CB  . SER A 1 24 ? -2.843  -1.344  -1.320  1.00 23.25 ? 852 SER A CB  1 
ATOM   166 O OG  . SER A 1 24 ? -3.299  -1.972  -2.507  1.00 28.12 ? 852 SER A OG  1 
ATOM   167 N N   . ILE A 1 25 ? -0.682  0.264   0.301   1.00 20.84 ? 853 ILE A N   1 
ATOM   168 C CA  . ILE A 1 25 ? -0.252  0.951   1.518   1.00 21.07 ? 853 ILE A CA  1 
ATOM   169 C C   . ILE A 1 25 ? 0.254   2.369   1.210   1.00 20.12 ? 853 ILE A C   1 
ATOM   170 O O   . ILE A 1 25 ? -0.005  3.308   1.960   1.00 20.73 ? 853 ILE A O   1 
ATOM   171 C CB  . ILE A 1 25 ? 0.840   0.133   2.228   1.00 20.28 ? 853 ILE A CB  1 
ATOM   172 C CG1 . ILE A 1 25 ? 0.208   -1.144  2.807   1.00 22.39 ? 853 ILE A CG1 1 
ATOM   173 C CG2 . ILE A 1 25 ? 1.500   0.944   3.335   1.00 23.62 ? 853 ILE A CG2 1 
ATOM   174 C CD1 . ILE A 1 25 ? 1.191   -2.069  3.490   1.00 21.50 ? 853 ILE A CD1 1 
ATOM   175 N N   . GLY A 1 26 ? 0.993   2.517   0.119   1.00 19.96 ? 854 GLY A N   1 
ATOM   176 C CA  . GLY A 1 26 ? 1.481   3.831   -0.246  1.00 23.39 ? 854 GLY A CA  1 
ATOM   177 C C   . GLY A 1 26 ? 0.311   4.765   -0.504  1.00 23.56 ? 854 GLY A C   1 
ATOM   178 O O   . GLY A 1 26 ? 0.312   5.912   -0.076  1.00 23.98 ? 854 GLY A O   1 
ATOM   179 N N   . SER A 1 27 ? -0.719  4.283   -1.188  1.00 24.50 ? 855 SER A N   1 
ATOM   180 C CA  . SER A 1 27 ? -1.864  5.141   -1.468  1.00 25.51 ? 855 SER A CA  1 
ATOM   181 C C   . SER A 1 27 ? -2.616  5.557   -0.210  1.00 24.21 ? 855 SER A C   1 
ATOM   182 O O   . SER A 1 27 ? -3.080  6.686   -0.092  1.00 24.05 ? 855 SER A O   1 
ATOM   183 C CB  . SER A 1 27 ? -2.794  4.451   -2.456  1.00 28.11 ? 855 SER A CB  1 
ATOM   184 O OG  . SER A 1 27 ? -2.090  4.265   -3.673  1.00 33.98 ? 855 SER A OG  1 
ATOM   185 N N   . ILE A 1 28 ? -2.743  4.628   0.724   1.00 23.17 ? 856 ILE A N   1 
ATOM   186 C CA  . ILE A 1 28 ? -3.391  4.874   1.995   1.00 22.40 ? 856 ILE A CA  1 
ATOM   187 C C   . ILE A 1 28 ? -2.591  5.917   2.781   1.00 21.00 ? 856 ILE A C   1 
ATOM   188 O O   . ILE A 1 28 ? -3.155  6.808   3.417   1.00 21.20 ? 856 ILE A O   1 
ATOM   189 C CB  . ILE A 1 28 ? -3.444  3.578   2.827   1.00 22.14 ? 856 ILE A CB  1 
ATOM   190 C CG1 . ILE A 1 28 ? -4.502  2.620   2.263   1.00 25.64 ? 856 ILE A CG1 1 
ATOM   191 C CG2 . ILE A 1 28 ? -3.723  3.906   4.252   1.00 23.38 ? 856 ILE A CG2 1 
ATOM   192 C CD1 . ILE A 1 28 ? -4.516  1.259   2.960   1.00 26.46 ? 856 ILE A CD1 1 
ATOM   193 N N   . VAL A 1 29 ? -1.271  5.791   2.755   1.00 19.99 ? 857 VAL A N   1 
ATOM   194 C CA  . VAL A 1 29 ? -0.428  6.739   3.467   1.00 20.85 ? 857 VAL A CA  1 
ATOM   195 C C   . VAL A 1 29 ? -0.602  8.125   2.857   1.00 21.43 ? 857 VAL A C   1 
ATOM   196 O O   . VAL A 1 29 ? -0.651  9.117   3.578   1.00 21.40 ? 857 VAL A O   1 
ATOM   197 C CB  . VAL A 1 29 ? 1.070   6.344   3.399   1.00 21.57 ? 857 VAL A CB  1 
ATOM   198 C CG1 . VAL A 1 29 ? 1.921   7.407   4.095   1.00 24.82 ? 857 VAL A CG1 1 
ATOM   199 C CG2 . VAL A 1 29 ? 1.283   5.007   4.077   1.00 21.75 ? 857 VAL A CG2 1 
ATOM   200 N N   . SER A 1 30 ? -0.708  8.193   1.535   1.00 21.04 ? 858 SER A N   1 
ATOM   201 C CA  . SER A 1 30 ? -0.885  9.483   0.874   1.00 24.23 ? 858 SER A CA  1 
ATOM   202 C C   . SER A 1 30 ? -2.209  10.127  1.254   1.00 22.86 ? 858 SER A C   1 
ATOM   203 O O   . SER A 1 30 ? -2.281  11.342  1.463   1.00 20.11 ? 858 SER A O   1 
ATOM   204 C CB  . SER A 1 30 ? -0.804  9.329   -0.639  1.00 26.32 ? 858 SER A CB  1 
ATOM   205 O OG  . SER A 1 30 ? 0.494   8.895   -1.001  1.00 32.41 ? 858 SER A OG  1 
ATOM   206 N N   . LYS A 1 31 ? -3.251  9.309   1.335   1.00 22.37 ? 859 LYS A N   1 
ATOM   207 C CA  . LYS A 1 31 ? -4.563  9.803   1.706   1.00 23.24 ? 859 LYS A CA  1 
ATOM   208 C C   . LYS A 1 31 ? -4.606  10.256  3.148   1.00 20.57 ? 859 LYS A C   1 
ATOM   209 O O   . LYS A 1 31 ? -5.185  11.285  3.449   1.00 18.53 ? 859 LYS A O   1 
ATOM   210 C CB  . LYS A 1 31 ? -5.632  8.731   1.546   1.00 27.22 ? 859 LYS A CB  1 
ATOM   211 C CG  . LYS A 1 31 ? -6.051  8.365   0.139   1.00 29.03 ? 859 LYS A CG  1 
ATOM   212 C CD  . LYS A 1 31 ? -7.101  7.241   0.269   1.00 31.85 ? 859 LYS A CD  1 
ATOM   213 C CE  . LYS A 1 31 ? -7.846  6.919   -1.017  1.00 33.34 ? 859 LYS A CE  1 
ATOM   214 N NZ  . LYS A 1 31 ? -8.938  5.914   -0.768  1.00 31.26 ? 859 LYS A NZ  1 
ATOM   215 N N   . ILE A 1 32 ? -4.025  9.472   4.054   1.00 20.71 ? 860 ILE A N   1 
ATOM   216 C CA  . ILE A 1 32 ? -4.064  9.857   5.452   1.00 20.51 ? 860 ILE A CA  1 
ATOM   217 C C   . ILE A 1 32 ? -3.230  11.107  5.705   1.00 18.59 ? 860 ILE A C   1 
ATOM   218 O O   . ILE A 1 32 ? -3.584  11.961  6.526   1.00 19.50 ? 860 ILE A O   1 
ATOM   219 C CB  . ILE A 1 32 ? -3.629  8.686   6.394   1.00 24.05 ? 860 ILE A CB  1 
ATOM   220 C CG1 . ILE A 1 32 ? -3.782  9.136   7.836   1.00 27.25 ? 860 ILE A CG1 1 
ATOM   221 C CG2 . ILE A 1 32 ? -2.191  8.258   6.146   1.00 24.76 ? 860 ILE A CG2 1 
ATOM   222 C CD1 . ILE A 1 32 ? -5.204  9.520   8.182   1.00 27.96 ? 860 ILE A CD1 1 
ATOM   223 N N   . ASP A 1 33 ? -2.126  11.239  5.001   1.00 17.36 ? 861 ASP A N   1 
ATOM   224 C CA  . ASP A 1 33 ? -1.311  12.418  5.188   1.00 19.65 ? 861 ASP A CA  1 
ATOM   225 C C   . ASP A 1 33 ? -2.042  13.652  4.671   1.00 19.92 ? 861 ASP A C   1 
ATOM   226 O O   . ASP A 1 33 ? -1.862  14.740  5.198   1.00 21.86 ? 861 ASP A O   1 
ATOM   227 C CB  . ASP A 1 33 ? 0.021   12.244  4.481   1.00 20.52 ? 861 ASP A CB  1 
ATOM   228 C CG  . ASP A 1 33 ? 0.950   11.292  5.224   1.00 24.00 ? 861 ASP A CG  1 
ATOM   229 O OD1 . ASP A 1 33 ? 0.682   10.978  6.409   1.00 27.90 ? 861 ASP A OD1 1 
ATOM   230 O OD2 . ASP A 1 33 ? 1.957   10.866  4.631   1.00 26.72 ? 861 ASP A OD2 1 
ATOM   231 N N   . ALA A 1 34 ? -2.871  13.476  3.642   1.00 18.28 ? 862 ALA A N   1 
ATOM   232 C CA  . ALA A 1 34 ? -3.627  14.600  3.079   1.00 18.70 ? 862 ALA A CA  1 
ATOM   233 C C   . ALA A 1 34 ? -4.681  15.031  4.092   1.00 17.85 ? 862 ALA A C   1 
ATOM   234 O O   . ALA A 1 34 ? -4.899  16.222  4.316   1.00 16.28 ? 862 ALA A O   1 
ATOM   235 C CB  . ALA A 1 34 ? -4.288  14.190  1.779   1.00 18.04 ? 862 ALA A CB  1 
ATOM   236 N N   . VAL A 1 35 ? -5.323  14.049  4.717   1.00 17.23 ? 863 VAL A N   1 
ATOM   237 C CA  . VAL A 1 35 ? -6.331  14.337  5.724   1.00 16.61 ? 863 VAL A CA  1 
ATOM   238 C C   . VAL A 1 35 ? -5.666  15.040  6.895   1.00 17.03 ? 863 VAL A C   1 
ATOM   239 O O   . VAL A 1 35 ? -6.195  16.008  7.422   1.00 17.90 ? 863 VAL A O   1 
ATOM   240 C CB  . VAL A 1 35 ? -7.013  13.039  6.210   1.00 20.30 ? 863 VAL A CB  1 
ATOM   241 C CG1 . VAL A 1 35 ? -7.718  13.278  7.560   1.00 22.21 ? 863 VAL A CG1 1 
ATOM   242 C CG2 . VAL A 1 35 ? -8.007  12.580  5.164   1.00 20.46 ? 863 VAL A CG2 1 
ATOM   243 N N   . ILE A 1 36 ? -4.505  14.554  7.317   1.00 16.26 ? 864 ILE A N   1 
ATOM   244 C CA  . ILE A 1 36 ? -3.810  15.195  8.417   1.00 17.36 ? 864 ILE A CA  1 
ATOM   245 C C   . ILE A 1 36 ? -3.557  16.674  8.115   1.00 16.04 ? 864 ILE A C   1 
ATOM   246 O O   . ILE A 1 36 ? -3.746  17.535  8.979   1.00 19.63 ? 864 ILE A O   1 
ATOM   247 C CB  . ILE A 1 36 ? -2.479  14.461  8.730   1.00 17.95 ? 864 ILE A CB  1 
ATOM   248 C CG1 . ILE A 1 36 ? -2.796  13.135  9.431   1.00 20.58 ? 864 ILE A CG1 1 
ATOM   249 C CG2 . ILE A 1 36 ? -1.604  15.321  9.613   1.00 20.08 ? 864 ILE A CG2 1 
ATOM   250 C CD1 . ILE A 1 36 ? -1.584  12.252  9.743   1.00 20.92 ? 864 ILE A CD1 1 
ATOM   251 N N   . VAL A 1 37 ? -3.169  16.999  6.890   1.00 15.99 ? 865 VAL A N   1 
ATOM   252 C CA  . VAL A 1 37 ? -2.938  18.416  6.573   1.00 16.63 ? 865 VAL A CA  1 
ATOM   253 C C   . VAL A 1 37 ? -4.216  19.234  6.596   1.00 16.21 ? 865 VAL A C   1 
ATOM   254 O O   . VAL A 1 37 ? -4.210  20.378  7.051   1.00 17.96 ? 865 VAL A O   1 
ATOM   255 C CB  . VAL A 1 37 ? -2.229  18.567  5.219   1.00 17.08 ? 865 VAL A CB  1 
ATOM   256 C CG1 . VAL A 1 37 ? -2.150  20.039  4.806   1.00 19.03 ? 865 VAL A CG1 1 
ATOM   257 C CG2 . VAL A 1 37 ? -0.846  18.030  5.365   1.00 18.12 ? 865 VAL A CG2 1 
ATOM   258 N N   . LYS A 1 38 ? -5.319  18.658  6.121   1.00 17.52 ? 866 LYS A N   1 
ATOM   259 C CA  . LYS A 1 38 ? -6.596  19.360  6.141   1.00 18.39 ? 866 LYS A CA  1 
ATOM   260 C C   . LYS A 1 38 ? -6.975  19.711  7.586   1.00 18.23 ? 866 LYS A C   1 
ATOM   261 O O   . LYS A 1 38 ? -7.497  20.781  7.857   1.00 19.41 ? 866 LYS A O   1 
ATOM   262 C CB  . LYS A 1 38 ? -7.710  18.495  5.529   1.00 21.69 ? 866 LYS A CB  1 
ATOM   263 C CG  . LYS A 1 38 ? -7.508  18.147  4.048   1.00 26.22 ? 866 LYS A CG  1 
ATOM   264 C CD  . LYS A 1 38 ? -8.614  17.216  3.506   1.00 32.61 ? 866 LYS A CD  1 
ATOM   265 C CE  . LYS A 1 38 ? -8.291  16.695  2.095   1.00 35.29 ? 866 LYS A CE  1 
ATOM   266 N NZ  . LYS A 1 38 ? -9.289  15.699  1.577   1.00 39.30 ? 866 LYS A NZ  1 
ATOM   267 N N   . LEU A 1 39 ? -6.713  18.812  8.516   1.00 21.50 ? 867 LEU A N   1 
ATOM   268 C CA  . LEU A 1 39 ? -7.069  19.076  9.913   1.00 23.45 ? 867 LEU A CA  1 
ATOM   269 C C   . LEU A 1 39 ? -6.165  20.128  10.562  1.00 25.13 ? 867 LEU A C   1 
ATOM   270 O O   . LEU A 1 39 ? -6.620  20.954  11.365  1.00 24.93 ? 867 LEU A O   1 
ATOM   271 C CB  . LEU A 1 39 ? -7.045  17.771  10.706  1.00 23.61 ? 867 LEU A CB  1 
ATOM   272 C CG  . LEU A 1 39 ? -8.303  16.899  10.565  1.00 24.60 ? 867 LEU A CG  1 
ATOM   273 C CD1 . LEU A 1 39 ? -8.082  15.546  11.254  1.00 25.95 ? 867 LEU A CD1 1 
ATOM   274 C CD2 . LEU A 1 39 ? -9.498  17.622  11.198  1.00 22.53 ? 867 LEU A CD2 1 
ATOM   275 N N   . GLU A 1 40 ? -4.887  20.098  10.204  1.00 23.75 ? 868 GLU A N   1 
ATOM   276 C CA  . GLU A 1 40 ? -3.935  21.057  10.727  1.00 27.12 ? 868 GLU A CA  1 
ATOM   277 C C   . GLU A 1 40 ? -4.234  22.476  10.266  1.00 27.77 ? 868 GLU A C   1 
ATOM   278 O O   . GLU A 1 40 ? -3.957  23.421  10.983  1.00 28.12 ? 868 GLU A O   1 
ATOM   279 C CB  . GLU A 1 40 ? -2.510  20.717  10.280  1.00 27.15 ? 868 GLU A CB  1 
ATOM   280 C CG  . GLU A 1 40 ? -1.996  19.378  10.773  1.00 28.75 ? 868 GLU A CG  1 
ATOM   281 C CD  . GLU A 1 40 ? -0.558  19.113  10.365  1.00 31.45 ? 868 GLU A CD  1 
ATOM   282 O OE1 . GLU A 1 40 ? -0.252  19.202  9.164   1.00 30.57 ? 868 GLU A OE1 1 
ATOM   283 O OE2 . GLU A 1 40 ? 0.273   18.801  11.244  1.00 36.44 ? 868 GLU A OE2 1 
ATOM   284 N N   . ILE A 1 41 ? -4.781  22.636  9.065   1.00 27.13 ? 869 ILE A N   1 
ATOM   285 C CA  . ILE A 1 41 ? -5.040  23.976  8.568   1.00 28.07 ? 869 ILE A CA  1 
ATOM   286 C C   . ILE A 1 41 ? -6.506  24.356  8.713   1.00 30.75 ? 869 ILE A C   1 
ATOM   287 O O   . ILE A 1 41 ? -6.938  25.405  8.252   1.00 28.39 ? 869 ILE A O   1 
ATOM   288 C CB  . ILE A 1 41 ? -4.635  24.107  7.067   1.00 27.86 ? 869 ILE A CB  1 
ATOM   289 C CG1 . ILE A 1 41 ? -5.525  23.216  6.199   1.00 27.41 ? 869 ILE A CG1 1 
ATOM   290 C CG2 . ILE A 1 41 ? -3.153  23.697  6.879   1.00 27.07 ? 869 ILE A CG2 1 
ATOM   291 C CD1 . ILE A 1 41 ? -5.143  23.236  4.696   1.00 29.63 ? 869 ILE A CD1 1 
ATOM   292 N N   . MET A 1 42 ? -7.282  23.509  9.367   1.00 32.83 ? 870 MET A N   1 
ATOM   293 C CA  . MET A 1 42 ? -8.687  23.842  9.461   1.00 38.18 ? 870 MET A CA  1 
ATOM   294 C C   . MET A 1 42 ? -9.000  24.920  10.489  1.00 38.26 ? 870 MET A C   1 
ATOM   295 O O   . MET A 1 42 ? -8.307  24.970  11.523  1.00 37.85 ? 870 MET A O   1 
ATOM   296 C CB  . MET A 1 42 ? -9.482  22.591  9.753   1.00 39.18 ? 870 MET A CB  1 
ATOM   297 C CG  . MET A 1 42 ? -10.841 22.601  9.114   1.00 43.32 ? 870 MET A CG  1 
ATOM   298 S SD  . MET A 1 42 ? -11.604 21.085  9.581   1.00 48.03 ? 870 MET A SD  1 
ATOM   299 C CE  . MET A 1 42 ? -11.790 21.443  11.247  1.00 44.68 ? 870 MET A CE  1 
HETATM 300 O O   . HOH B 2 .  ? -1.557  -9.614  -7.167  1.00 15.12 ? 1   HOH A O   1 
HETATM 301 O O   . HOH B 2 .  ? -3.764  -4.918  -1.871  1.00 24.67 ? 2   HOH A O   1 
HETATM 302 O O   . HOH B 2 .  ? -0.908  -12.656 -6.814  1.00 21.36 ? 3   HOH A O   1 
HETATM 303 O O   . HOH B 2 .  ? -6.738  3.837   -0.954  1.00 28.54 ? 4   HOH A O   1 
HETATM 304 O O   . HOH B 2 .  ? 6.435   -23.513 -10.740 1.00 31.17 ? 5   HOH A O   1 
HETATM 305 O O   . HOH B 2 .  ? -10.704 24.273  6.424   1.00 40.27 ? 6   HOH A O   1 
HETATM 306 O O   . HOH B 2 .  ? -3.814  7.964   -2.331  1.00 33.83 ? 7   HOH A O   1 
HETATM 307 O O   . HOH B 2 .  ? 3.049   -17.507 -10.507 1.00 29.83 ? 8   HOH A O   1 
HETATM 308 O O   . HOH B 2 .  ? -7.871  -9.597  -4.192  1.00 50.80 ? 9   HOH A O   1 
HETATM 309 O O   . HOH B 2 .  ? 0.803   14.920  6.633   1.00 32.37 ? 10  HOH A O   1 
HETATM 310 O O   . HOH B 2 .  ? -11.472 14.954  2.499   1.00 47.04 ? 11  HOH A O   1 
HETATM 311 O O   . HOH B 2 .  ? 9.683   -25.049 -8.773  1.00 36.09 ? 12  HOH A O   1 
HETATM 312 O O   . HOH B 2 .  ? 10.967  -14.122 -11.692 1.00 35.30 ? 13  HOH A O   1 
HETATM 313 O O   . HOH B 2 .  ? 3.014   7.236   0.190   1.00 46.22 ? 14  HOH A O   1 
HETATM 314 O O   . HOH B 2 .  ? 4.379   1.086   0.777   1.00 34.22 ? 15  HOH A O   1 
HETATM 315 O O   . HOH B 2 .  ? 1.637   -7.004  -8.320  1.00 34.92 ? 16  HOH A O   1 
HETATM 316 O O   . HOH B 2 .  ? 3.374   9.682   0.835   1.00 44.91 ? 17  HOH A O   1 
HETATM 317 O O   . HOH B 2 .  ? -7.594  -7.501  -1.056  1.00 47.11 ? 18  HOH A O   1 
HETATM 318 O O   . HOH B 2 .  ? -3.825  -13.302 -7.595  1.00 49.95 ? 19  HOH A O   1 
HETATM 319 O O   . HOH B 2 .  ? 4.042   -26.736 -1.962  1.00 48.68 ? 20  HOH A O   1 
HETATM 320 O O   . HOH B 2 .  ? 4.583   -13.281 -11.335 1.00 50.71 ? 21  HOH A O   1 
HETATM 321 O O   . HOH B 2 .  ? 0.837   -22.126 -14.648 1.00 49.35 ? 22  HOH A O   1 
HETATM 322 O O   . HOH B 2 .  ? 2.409   11.516  2.258   1.00 52.32 ? 23  HOH A O   1 
HETATM 323 O O   . HOH B 2 .  ? -5.278  -5.658  -0.391  1.00 38.33 ? 24  HOH A O   1 
HETATM 324 O O   . HOH B 2 .  ? 4.941   -16.990 -12.468 1.00 38.07 ? 25  HOH A O   1 
HETATM 325 O O   . HOH B 2 .  ? -12.415 18.220  2.281   1.00 32.22 ? 26  HOH A O   1 
HETATM 326 O O   . HOH B 2 .  ? 12.724  -15.722 -12.553 1.00 50.86 ? 27  HOH A O   1 
HETATM 327 O O   . HOH B 2 .  ? 1.887   -4.388  -8.421  1.00 48.97 ? 28  HOH A O   1 
HETATM 328 O O   . HOH B 2 .  ? 5.557   -7.673  -8.383  1.00 31.75 ? 29  HOH A O   1 
HETATM 329 O O   . HOH B 2 .  ? -8.963  22.395  6.561   1.00 52.47 ? 30  HOH A O   1 
HETATM 330 O O   . HOH B 2 .  ? -11.989 26.448  11.596  1.00 49.09 ? 31  HOH A O   1 
HETATM 331 O O   . HOH B 2 .  ? 1.174   -21.497 -12.168 1.00 50.89 ? 32  HOH A O   1 
# 
loop_
_pdbx_poly_seq_scheme.asym_id 
_pdbx_poly_seq_scheme.entity_id 
_pdbx_poly_seq_scheme.seq_id 
_pdbx_poly_seq_scheme.mon_id 
_pdbx_poly_seq_scheme.ndb_seq_num 
_pdbx_poly_seq_scheme.pdb_seq_num 
_pdbx_poly_seq_scheme.auth_seq_num 
_pdbx_poly_seq_scheme.pdb_mon_id 
_pdbx_poly_seq_scheme.auth_mon_id 
_pdbx_poly_seq_scheme.pdb_strand_id 
_pdbx_poly_seq_scheme.pdb_ins_code 
_pdbx_poly_seq_scheme.hetero 
A 1 1  GLY 1  -3  ?   ?   ?   A . n 
A 1 2  SER 2  -2  ?   ?   ?   A . n 
A 1 3  HIS 3  -1  ?   ?   ?   A . n 
A 1 4  MET 4  0   ?   ?   ?   A . n 
A 1 5  GLY 5  833 ?   ?   ?   A . n 
A 1 6  VAL 6  834 834 VAL VAL A . n 
A 1 7  SER 7  835 835 SER SER A . n 
A 1 8  TYR 8  836 836 TYR TYR A . n 
A 1 9  GLU 9  837 837 GLU GLU A . n 
A 1 10 GLU 10 838 838 GLU GLU A . n 
A 1 11 PHE 11 839 839 PHE PHE A . n 
A 1 12 GLN 12 840 840 GLN GLN A . n 
A 1 13 VAL 13 841 841 VAL VAL A . n 
A 1 14 LEU 14 842 842 LEU LEU A . n 
A 1 15 VAL 15 843 843 VAL VAL A . n 
A 1 16 ARG 16 844 844 ARG ARG A . n 
A 1 17 ARG 17 845 845 ARG ARG A . n 
A 1 18 VAL 18 846 846 VAL VAL A . n 
A 1 19 ASP 19 847 847 ASP ASP A . n 
A 1 20 ARG 20 848 848 ARG ARG A . n 
A 1 21 MET 21 849 849 MET MET A . n 
A 1 22 GLU 22 850 850 GLU GLU A . n 
A 1 23 HIS 23 851 851 HIS HIS A . n 
A 1 24 SER 24 852 852 SER SER A . n 
A 1 25 ILE 25 853 853 ILE ILE A . n 
A 1 26 GLY 26 854 854 GLY GLY A . n 
A 1 27 SER 27 855 855 SER SER A . n 
A 1 28 ILE 28 856 856 ILE ILE A . n 
A 1 29 VAL 29 857 857 VAL VAL A . n 
A 1 30 SER 30 858 858 SER SER A . n 
A 1 31 LYS 31 859 859 LYS LYS A . n 
A 1 32 ILE 32 860 860 ILE ILE A . n 
A 1 33 ASP 33 861 861 ASP ASP A . n 
A 1 34 ALA 34 862 862 ALA ALA A . n 
A 1 35 VAL 35 863 863 VAL VAL A . n 
A 1 36 ILE 36 864 864 ILE ILE A . n 
A 1 37 VAL 37 865 865 VAL VAL A . n 
A 1 38 LYS 38 866 866 LYS LYS A . n 
A 1 39 LEU 39 867 867 LEU LEU A . n 
A 1 40 GLU 40 868 868 GLU GLU A . n 
A 1 41 ILE 41 869 869 ILE ILE A . n 
A 1 42 MET 42 870 870 MET MET A . n 
A 1 43 GLU 43 871 ?   ?   ?   A . n 
A 1 44 ARG 44 872 ?   ?   ?   A . n 
# 
loop_
_pdbx_nonpoly_scheme.asym_id 
_pdbx_nonpoly_scheme.entity_id 
_pdbx_nonpoly_scheme.mon_id 
_pdbx_nonpoly_scheme.ndb_seq_num 
_pdbx_nonpoly_scheme.pdb_seq_num 
_pdbx_nonpoly_scheme.auth_seq_num 
_pdbx_nonpoly_scheme.pdb_mon_id 
_pdbx_nonpoly_scheme.auth_mon_id 
_pdbx_nonpoly_scheme.pdb_strand_id 
_pdbx_nonpoly_scheme.pdb_ins_code 
B 2 HOH 1  1  1  HOH WAT A . 
B 2 HOH 2  2  2  HOH WAT A . 
B 2 HOH 3  3  3  HOH WAT A . 
B 2 HOH 4  4  4  HOH WAT A . 
B 2 HOH 5  5  5  HOH WAT A . 
B 2 HOH 6  6  6  HOH WAT A . 
B 2 HOH 7  7  7  HOH WAT A . 
B 2 HOH 8  8  8  HOH WAT A . 
B 2 HOH 9  9  9  HOH WAT A . 
B 2 HOH 10 10 10 HOH WAT A . 
B 2 HOH 11 11 11 HOH WAT A . 
B 2 HOH 12 12 12 HOH WAT A . 
B 2 HOH 13 13 13 HOH WAT A . 
B 2 HOH 14 14 14 HOH WAT A . 
B 2 HOH 15 15 15 HOH WAT A . 
B 2 HOH 16 16 16 HOH WAT A . 
B 2 HOH 17 17 17 HOH WAT A . 
B 2 HOH 18 18 18 HOH WAT A . 
B 2 HOH 19 19 19 HOH WAT A . 
B 2 HOH 20 20 20 HOH WAT A . 
B 2 HOH 21 21 21 HOH WAT A . 
B 2 HOH 22 22 22 HOH WAT A . 
B 2 HOH 23 23 23 HOH WAT A . 
B 2 HOH 24 24 24 HOH WAT A . 
B 2 HOH 25 25 25 HOH WAT A . 
B 2 HOH 26 26 26 HOH WAT A . 
B 2 HOH 27 27 27 HOH WAT A . 
B 2 HOH 28 28 28 HOH WAT A . 
B 2 HOH 29 29 29 HOH WAT A . 
B 2 HOH 30 30 30 HOH WAT A . 
B 2 HOH 31 31 31 HOH WAT A . 
B 2 HOH 32 32 32 HOH WAT A . 
# 
_pdbx_struct_assembly.id                   1 
_pdbx_struct_assembly.details              author_and_software_defined_assembly 
_pdbx_struct_assembly.method_details       PISA 
_pdbx_struct_assembly.oligomeric_details   trimeric 
_pdbx_struct_assembly.oligomeric_count     3 
# 
_pdbx_struct_assembly_gen.assembly_id       1 
_pdbx_struct_assembly_gen.oper_expression   1,2,3 
_pdbx_struct_assembly_gen.asym_id_list      A,B 
# 
loop_
_pdbx_struct_assembly_prop.biol_id 
_pdbx_struct_assembly_prop.type 
_pdbx_struct_assembly_prop.value 
_pdbx_struct_assembly_prop.details 
1 'ABSA (A^2)' 4120 ? 
1 MORE         -49  ? 
1 'SSA (A^2)'  6790 ? 
# 
loop_
_pdbx_struct_oper_list.id 
_pdbx_struct_oper_list.type 
_pdbx_struct_oper_list.name 
_pdbx_struct_oper_list.symmetry_operation 
_pdbx_struct_oper_list.matrix[1][1] 
_pdbx_struct_oper_list.matrix[1][2] 
_pdbx_struct_oper_list.matrix[1][3] 
_pdbx_struct_oper_list.vector[1] 
_pdbx_struct_oper_list.matrix[2][1] 
_pdbx_struct_oper_list.matrix[2][2] 
_pdbx_struct_oper_list.matrix[2][3] 
_pdbx_struct_oper_list.vector[2] 
_pdbx_struct_oper_list.matrix[3][1] 
_pdbx_struct_oper_list.matrix[3][2] 
_pdbx_struct_oper_list.matrix[3][3] 
_pdbx_struct_oper_list.vector[3] 
1 'identity operation'         1_555 x,y,z        1.0000000000  0.0000000000  0.0000000000  0.0000000000  0.0000000000  1.0000000000 0.0000000000  0.0000000000  0.0000000000  0.0000000000  1.0000000000  0.0000000000 
2 'crystal symmetry operation' 2_665 -y+1,x-y+1,z -0.1899645662 -0.3711316594 -0.9089415575 1.8007016904  -0.7965581610 0.5994707121 -0.0782940708 -1.6029495676 0.5739412511  0.7091517163  -0.4095061459 8.9203218475 
3 'crystal symmetry operation' 3_565 -x+y,-x+1,z  -0.1899645662 -0.7965581610 0.5739412511  -6.0545137263 -0.3711316594 0.5994707121 0.7091517163  -4.6966428234 -0.9089415575 -0.0782940708 -0.4095061459 5.1641577720 
# 
loop_
_pdbx_audit_revision_history.ordinal 
_pdbx_audit_revision_history.data_content_type 
_pdbx_audit_revision_history.major_revision 
_pdbx_audit_revision_history.minor_revision 
_pdbx_audit_revision_history.revision_date 
1 'Structure model' 1 0 2009-07-28 
2 'Structure model' 1 1 2011-07-13 
3 'Structure model' 1 2 2017-11-01 
4 'Structure model' 1 3 2023-09-06 
# 
_pdbx_audit_revision_details.ordinal             1 
_pdbx_audit_revision_details.revision_ordinal    1 
_pdbx_audit_revision_details.data_content_type   'Structure model' 
_pdbx_audit_revision_details.provider            repository 
_pdbx_audit_revision_details.type                'Initial release' 
_pdbx_audit_revision_details.description         ? 
_pdbx_audit_revision_details.details             ? 
# 
loop_
_pdbx_audit_revision_group.ordinal 
_pdbx_audit_revision_group.revision_ordinal 
_pdbx_audit_revision_group.data_content_type 
_pdbx_audit_revision_group.group 
1 2 'Structure model' 'Version format compliance' 
2 3 'Structure model' 'Refinement description'    
3 4 'Structure model' 'Data collection'           
4 4 'Structure model' 'Database references'       
5 4 'Structure model' 'Refinement description'    
# 
loop_
_pdbx_audit_revision_category.ordinal 
_pdbx_audit_revision_category.revision_ordinal 
_pdbx_audit_revision_category.data_content_type 
_pdbx_audit_revision_category.category 
1 3 'Structure model' software                      
2 4 'Structure model' chem_comp_atom                
3 4 'Structure model' chem_comp_bond                
4 4 'Structure model' database_2                    
5 4 'Structure model' pdbx_initial_refinement_model 
6 4 'Structure model' struct_ref_seq_dif            
# 
loop_
_pdbx_audit_revision_item.ordinal 
_pdbx_audit_revision_item.revision_ordinal 
_pdbx_audit_revision_item.data_content_type 
_pdbx_audit_revision_item.item 
1 4 'Structure model' '_database_2.pdbx_DOI'                
2 4 'Structure model' '_database_2.pdbx_database_accession' 
3 4 'Structure model' '_struct_ref_seq_dif.details'         
# 
_phasing.method   MR 
# 
loop_
_software.pdbx_ordinal 
_software.name 
_software.version 
_software.date 
_software.type 
_software.contact_author 
_software.contact_author_email 
_software.classification 
_software.location 
_software.language 
_software.citation_id 
1 DENZO       .       ?               package 'Zbyszek Otwinowski' hkl@hkl-xray.com            'data reduction'  
http://www.hkl-xray.com/                    ?          ? 
2 SCALEPACK   .       ?               package 'Zbyszek Otwinowski' hkl@hkl-xray.com            'data scaling'    
http://www.hkl-xray.com/                    ?          ? 
3 PHASER      .       ?               program 'Randy J. Read'      cimr-phaser@lists.cam.ac.uk phasing           
http://www-structmed.cimr.cam.ac.uk/phaser/ ?          ? 
4 CNS         .       ?               package 'Axel T. Brunger'    axel.brunger@yale.edu       refinement        
http://cns-online.org/                      Fortran_77 ? 
5 PDB_EXTRACT 3.005   'June 11, 2008' package PDB                  help@deposit.rcsb.org       'data extraction' 
http://sw-tools.pdb.org/apps/PDB_EXTRACT/   C++        ? 
6 ADSC        Quantum ?               ?       ?                    ?                           'data collection' ? ?          ? 
# 
loop_
_pdbx_unobs_or_zero_occ_residues.id 
_pdbx_unobs_or_zero_occ_residues.PDB_model_num 
_pdbx_unobs_or_zero_occ_residues.polymer_flag 
_pdbx_unobs_or_zero_occ_residues.occupancy_flag 
_pdbx_unobs_or_zero_occ_residues.auth_asym_id 
_pdbx_unobs_or_zero_occ_residues.auth_comp_id 
_pdbx_unobs_or_zero_occ_residues.auth_seq_id 
_pdbx_unobs_or_zero_occ_residues.PDB_ins_code 
_pdbx_unobs_or_zero_occ_residues.label_asym_id 
_pdbx_unobs_or_zero_occ_residues.label_comp_id 
_pdbx_unobs_or_zero_occ_residues.label_seq_id 
1 1 Y 1 A GLY -3  ? A GLY 1  
2 1 Y 1 A SER -2  ? A SER 2  
3 1 Y 1 A HIS -1  ? A HIS 3  
4 1 Y 1 A MET 0   ? A MET 4  
5 1 Y 1 A GLY 833 ? A GLY 5  
6 1 Y 1 A GLU 871 ? A GLU 43 
7 1 Y 1 A ARG 872 ? A ARG 44 
# 
loop_
_chem_comp_atom.comp_id 
_chem_comp_atom.atom_id 
_chem_comp_atom.type_symbol 
_chem_comp_atom.pdbx_aromatic_flag 
_chem_comp_atom.pdbx_stereo_config 
_chem_comp_atom.pdbx_ordinal 
ALA N    N N N 1   
ALA CA   C N S 2   
ALA C    C N N 3   
ALA O    O N N 4   
ALA CB   C N N 5   
ALA OXT  O N N 6   
ALA H    H N N 7   
ALA H2   H N N 8   
ALA HA   H N N 9   
ALA HB1  H N N 10  
ALA HB2  H N N 11  
ALA HB3  H N N 12  
ALA HXT  H N N 13  
ARG N    N N N 14  
ARG CA   C N S 15  
ARG C    C N N 16  
ARG O    O N N 17  
ARG CB   C N N 18  
ARG CG   C N N 19  
ARG CD   C N N 20  
ARG NE   N N N 21  
ARG CZ   C N N 22  
ARG NH1  N N N 23  
ARG NH2  N N N 24  
ARG OXT  O N N 25  
ARG H    H N N 26  
ARG H2   H N N 27  
ARG HA   H N N 28  
ARG HB2  H N N 29  
ARG HB3  H N N 30  
ARG HG2  H N N 31  
ARG HG3  H N N 32  
ARG HD2  H N N 33  
ARG HD3  H N N 34  
ARG HE   H N N 35  
ARG HH11 H N N 36  
ARG HH12 H N N 37  
ARG HH21 H N N 38  
ARG HH22 H N N 39  
ARG HXT  H N N 40  
ASP N    N N N 41  
ASP CA   C N S 42  
ASP C    C N N 43  
ASP O    O N N 44  
ASP CB   C N N 45  
ASP CG   C N N 46  
ASP OD1  O N N 47  
ASP OD2  O N N 48  
ASP OXT  O N N 49  
ASP H    H N N 50  
ASP H2   H N N 51  
ASP HA   H N N 52  
ASP HB2  H N N 53  
ASP HB3  H N N 54  
ASP HD2  H N N 55  
ASP HXT  H N N 56  
GLN N    N N N 57  
GLN CA   C N S 58  
GLN C    C N N 59  
GLN O    O N N 60  
GLN CB   C N N 61  
GLN CG   C N N 62  
GLN CD   C N N 63  
GLN OE1  O N N 64  
GLN NE2  N N N 65  
GLN OXT  O N N 66  
GLN H    H N N 67  
GLN H2   H N N 68  
GLN HA   H N N 69  
GLN HB2  H N N 70  
GLN HB3  H N N 71  
GLN HG2  H N N 72  
GLN HG3  H N N 73  
GLN HE21 H N N 74  
GLN HE22 H N N 75  
GLN HXT  H N N 76  
GLU N    N N N 77  
GLU CA   C N S 78  
GLU C    C N N 79  
GLU O    O N N 80  
GLU CB   C N N 81  
GLU CG   C N N 82  
GLU CD   C N N 83  
GLU OE1  O N N 84  
GLU OE2  O N N 85  
GLU OXT  O N N 86  
GLU H    H N N 87  
GLU H2   H N N 88  
GLU HA   H N N 89  
GLU HB2  H N N 90  
GLU HB3  H N N 91  
GLU HG2  H N N 92  
GLU HG3  H N N 93  
GLU HE2  H N N 94  
GLU HXT  H N N 95  
GLY N    N N N 96  
GLY CA   C N N 97  
GLY C    C N N 98  
GLY O    O N N 99  
GLY OXT  O N N 100 
GLY H    H N N 101 
GLY H2   H N N 102 
GLY HA2  H N N 103 
GLY HA3  H N N 104 
GLY HXT  H N N 105 
HIS N    N N N 106 
HIS CA   C N S 107 
HIS C    C N N 108 
HIS O    O N N 109 
HIS CB   C N N 110 
HIS CG   C Y N 111 
HIS ND1  N Y N 112 
HIS CD2  C Y N 113 
HIS CE1  C Y N 114 
HIS NE2  N Y N 115 
HIS OXT  O N N 116 
HIS H    H N N 117 
HIS H2   H N N 118 
HIS HA   H N N 119 
HIS HB2  H N N 120 
HIS HB3  H N N 121 
HIS HD1  H N N 122 
HIS HD2  H N N 123 
HIS HE1  H N N 124 
HIS HE2  H N N 125 
HIS HXT  H N N 126 
HOH O    O N N 127 
HOH H1   H N N 128 
HOH H2   H N N 129 
ILE N    N N N 130 
ILE CA   C N S 131 
ILE C    C N N 132 
ILE O    O N N 133 
ILE CB   C N S 134 
ILE CG1  C N N 135 
ILE CG2  C N N 136 
ILE CD1  C N N 137 
ILE OXT  O N N 138 
ILE H    H N N 139 
ILE H2   H N N 140 
ILE HA   H N N 141 
ILE HB   H N N 142 
ILE HG12 H N N 143 
ILE HG13 H N N 144 
ILE HG21 H N N 145 
ILE HG22 H N N 146 
ILE HG23 H N N 147 
ILE HD11 H N N 148 
ILE HD12 H N N 149 
ILE HD13 H N N 150 
ILE HXT  H N N 151 
LEU N    N N N 152 
LEU CA   C N S 153 
LEU C    C N N 154 
LEU O    O N N 155 
LEU CB   C N N 156 
LEU CG   C N N 157 
LEU CD1  C N N 158 
LEU CD2  C N N 159 
LEU OXT  O N N 160 
LEU H    H N N 161 
LEU H2   H N N 162 
LEU HA   H N N 163 
LEU HB2  H N N 164 
LEU HB3  H N N 165 
LEU HG   H N N 166 
LEU HD11 H N N 167 
LEU HD12 H N N 168 
LEU HD13 H N N 169 
LEU HD21 H N N 170 
LEU HD22 H N N 171 
LEU HD23 H N N 172 
LEU HXT  H N N 173 
LYS N    N N N 174 
LYS CA   C N S 175 
LYS C    C N N 176 
LYS O    O N N 177 
LYS CB   C N N 178 
LYS CG   C N N 179 
LYS CD   C N N 180 
LYS CE   C N N 181 
LYS NZ   N N N 182 
LYS OXT  O N N 183 
LYS H    H N N 184 
LYS H2   H N N 185 
LYS HA   H N N 186 
LYS HB2  H N N 187 
LYS HB3  H N N 188 
LYS HG2  H N N 189 
LYS HG3  H N N 190 
LYS HD2  H N N 191 
LYS HD3  H N N 192 
LYS HE2  H N N 193 
LYS HE3  H N N 194 
LYS HZ1  H N N 195 
LYS HZ2  H N N 196 
LYS HZ3  H N N 197 
LYS HXT  H N N 198 
MET N    N N N 199 
MET CA   C N S 200 
MET C    C N N 201 
MET O    O N N 202 
MET CB   C N N 203 
MET CG   C N N 204 
MET SD   S N N 205 
MET CE   C N N 206 
MET OXT  O N N 207 
MET H    H N N 208 
MET H2   H N N 209 
MET HA   H N N 210 
MET HB2  H N N 211 
MET HB3  H N N 212 
MET HG2  H N N 213 
MET HG3  H N N 214 
MET HE1  H N N 215 
MET HE2  H N N 216 
MET HE3  H N N 217 
MET HXT  H N N 218 
PHE N    N N N 219 
PHE CA   C N S 220 
PHE C    C N N 221 
PHE O    O N N 222 
PHE CB   C N N 223 
PHE CG   C Y N 224 
PHE CD1  C Y N 225 
PHE CD2  C Y N 226 
PHE CE1  C Y N 227 
PHE CE2  C Y N 228 
PHE CZ   C Y N 229 
PHE OXT  O N N 230 
PHE H    H N N 231 
PHE H2   H N N 232 
PHE HA   H N N 233 
PHE HB2  H N N 234 
PHE HB3  H N N 235 
PHE HD1  H N N 236 
PHE HD2  H N N 237 
PHE HE1  H N N 238 
PHE HE2  H N N 239 
PHE HZ   H N N 240 
PHE HXT  H N N 241 
SER N    N N N 242 
SER CA   C N S 243 
SER C    C N N 244 
SER O    O N N 245 
SER CB   C N N 246 
SER OG   O N N 247 
SER OXT  O N N 248 
SER H    H N N 249 
SER H2   H N N 250 
SER HA   H N N 251 
SER HB2  H N N 252 
SER HB3  H N N 253 
SER HG   H N N 254 
SER HXT  H N N 255 
TYR N    N N N 256 
TYR CA   C N S 257 
TYR C    C N N 258 
TYR O    O N N 259 
TYR CB   C N N 260 
TYR CG   C Y N 261 
TYR CD1  C Y N 262 
TYR CD2  C Y N 263 
TYR CE1  C Y N 264 
TYR CE2  C Y N 265 
TYR CZ   C Y N 266 
TYR OH   O N N 267 
TYR OXT  O N N 268 
TYR H    H N N 269 
TYR H2   H N N 270 
TYR HA   H N N 271 
TYR HB2  H N N 272 
TYR HB3  H N N 273 
TYR HD1  H N N 274 
TYR HD2  H N N 275 
TYR HE1  H N N 276 
TYR HE2  H N N 277 
TYR HH   H N N 278 
TYR HXT  H N N 279 
VAL N    N N N 280 
VAL CA   C N S 281 
VAL C    C N N 282 
VAL O    O N N 283 
VAL CB   C N N 284 
VAL CG1  C N N 285 
VAL CG2  C N N 286 
VAL OXT  O N N 287 
VAL H    H N N 288 
VAL H2   H N N 289 
VAL HA   H N N 290 
VAL HB   H N N 291 
VAL HG11 H N N 292 
VAL HG12 H N N 293 
VAL HG13 H N N 294 
VAL HG21 H N N 295 
VAL HG22 H N N 296 
VAL HG23 H N N 297 
VAL HXT  H N N 298 
# 
loop_
_chem_comp_bond.comp_id 
_chem_comp_bond.atom_id_1 
_chem_comp_bond.atom_id_2 
_chem_comp_bond.value_order 
_chem_comp_bond.pdbx_aromatic_flag 
_chem_comp_bond.pdbx_stereo_config 
_chem_comp_bond.pdbx_ordinal 
ALA N   CA   sing N N 1   
ALA N   H    sing N N 2   
ALA N   H2   sing N N 3   
ALA CA  C    sing N N 4   
ALA CA  CB   sing N N 5   
ALA CA  HA   sing N N 6   
ALA C   O    doub N N 7   
ALA C   OXT  sing N N 8   
ALA CB  HB1  sing N N 9   
ALA CB  HB2  sing N N 10  
ALA CB  HB3  sing N N 11  
ALA OXT HXT  sing N N 12  
ARG N   CA   sing N N 13  
ARG N   H    sing N N 14  
ARG N   H2   sing N N 15  
ARG CA  C    sing N N 16  
ARG CA  CB   sing N N 17  
ARG CA  HA   sing N N 18  
ARG C   O    doub N N 19  
ARG C   OXT  sing N N 20  
ARG CB  CG   sing N N 21  
ARG CB  HB2  sing N N 22  
ARG CB  HB3  sing N N 23  
ARG CG  CD   sing N N 24  
ARG CG  HG2  sing N N 25  
ARG CG  HG3  sing N N 26  
ARG CD  NE   sing N N 27  
ARG CD  HD2  sing N N 28  
ARG CD  HD3  sing N N 29  
ARG NE  CZ   sing N N 30  
ARG NE  HE   sing N N 31  
ARG CZ  NH1  sing N N 32  
ARG CZ  NH2  doub N N 33  
ARG NH1 HH11 sing N N 34  
ARG NH1 HH12 sing N N 35  
ARG NH2 HH21 sing N N 36  
ARG NH2 HH22 sing N N 37  
ARG OXT HXT  sing N N 38  
ASP N   CA   sing N N 39  
ASP N   H    sing N N 40  
ASP N   H2   sing N N 41  
ASP CA  C    sing N N 42  
ASP CA  CB   sing N N 43  
ASP CA  HA   sing N N 44  
ASP C   O    doub N N 45  
ASP C   OXT  sing N N 46  
ASP CB  CG   sing N N 47  
ASP CB  HB2  sing N N 48  
ASP CB  HB3  sing N N 49  
ASP CG  OD1  doub N N 50  
ASP CG  OD2  sing N N 51  
ASP OD2 HD2  sing N N 52  
ASP OXT HXT  sing N N 53  
GLN N   CA   sing N N 54  
GLN N   H    sing N N 55  
GLN N   H2   sing N N 56  
GLN CA  C    sing N N 57  
GLN CA  CB   sing N N 58  
GLN CA  HA   sing N N 59  
GLN C   O    doub N N 60  
GLN C   OXT  sing N N 61  
GLN CB  CG   sing N N 62  
GLN CB  HB2  sing N N 63  
GLN CB  HB3  sing N N 64  
GLN CG  CD   sing N N 65  
GLN CG  HG2  sing N N 66  
GLN CG  HG3  sing N N 67  
GLN CD  OE1  doub N N 68  
GLN CD  NE2  sing N N 69  
GLN NE2 HE21 sing N N 70  
GLN NE2 HE22 sing N N 71  
GLN OXT HXT  sing N N 72  
GLU N   CA   sing N N 73  
GLU N   H    sing N N 74  
GLU N   H2   sing N N 75  
GLU CA  C    sing N N 76  
GLU CA  CB   sing N N 77  
GLU CA  HA   sing N N 78  
GLU C   O    doub N N 79  
GLU C   OXT  sing N N 80  
GLU CB  CG   sing N N 81  
GLU CB  HB2  sing N N 82  
GLU CB  HB3  sing N N 83  
GLU CG  CD   sing N N 84  
GLU CG  HG2  sing N N 85  
GLU CG  HG3  sing N N 86  
GLU CD  OE1  doub N N 87  
GLU CD  OE2  sing N N 88  
GLU OE2 HE2  sing N N 89  
GLU OXT HXT  sing N N 90  
GLY N   CA   sing N N 91  
GLY N   H    sing N N 92  
GLY N   H2   sing N N 93  
GLY CA  C    sing N N 94  
GLY CA  HA2  sing N N 95  
GLY CA  HA3  sing N N 96  
GLY C   O    doub N N 97  
GLY C   OXT  sing N N 98  
GLY OXT HXT  sing N N 99  
HIS N   CA   sing N N 100 
HIS N   H    sing N N 101 
HIS N   H2   sing N N 102 
HIS CA  C    sing N N 103 
HIS CA  CB   sing N N 104 
HIS CA  HA   sing N N 105 
HIS C   O    doub N N 106 
HIS C   OXT  sing N N 107 
HIS CB  CG   sing N N 108 
HIS CB  HB2  sing N N 109 
HIS CB  HB3  sing N N 110 
HIS CG  ND1  sing Y N 111 
HIS CG  CD2  doub Y N 112 
HIS ND1 CE1  doub Y N 113 
HIS ND1 HD1  sing N N 114 
HIS CD2 NE2  sing Y N 115 
HIS CD2 HD2  sing N N 116 
HIS CE1 NE2  sing Y N 117 
HIS CE1 HE1  sing N N 118 
HIS NE2 HE2  sing N N 119 
HIS OXT HXT  sing N N 120 
HOH O   H1   sing N N 121 
HOH O   H2   sing N N 122 
ILE N   CA   sing N N 123 
ILE N   H    sing N N 124 
ILE N   H2   sing N N 125 
ILE CA  C    sing N N 126 
ILE CA  CB   sing N N 127 
ILE CA  HA   sing N N 128 
ILE C   O    doub N N 129 
ILE C   OXT  sing N N 130 
ILE CB  CG1  sing N N 131 
ILE CB  CG2  sing N N 132 
ILE CB  HB   sing N N 133 
ILE CG1 CD1  sing N N 134 
ILE CG1 HG12 sing N N 135 
ILE CG1 HG13 sing N N 136 
ILE CG2 HG21 sing N N 137 
ILE CG2 HG22 sing N N 138 
ILE CG2 HG23 sing N N 139 
ILE CD1 HD11 sing N N 140 
ILE CD1 HD12 sing N N 141 
ILE CD1 HD13 sing N N 142 
ILE OXT HXT  sing N N 143 
LEU N   CA   sing N N 144 
LEU N   H    sing N N 145 
LEU N   H2   sing N N 146 
LEU CA  C    sing N N 147 
LEU CA  CB   sing N N 148 
LEU CA  HA   sing N N 149 
LEU C   O    doub N N 150 
LEU C   OXT  sing N N 151 
LEU CB  CG   sing N N 152 
LEU CB  HB2  sing N N 153 
LEU CB  HB3  sing N N 154 
LEU CG  CD1  sing N N 155 
LEU CG  CD2  sing N N 156 
LEU CG  HG   sing N N 157 
LEU CD1 HD11 sing N N 158 
LEU CD1 HD12 sing N N 159 
LEU CD1 HD13 sing N N 160 
LEU CD2 HD21 sing N N 161 
LEU CD2 HD22 sing N N 162 
LEU CD2 HD23 sing N N 163 
LEU OXT HXT  sing N N 164 
LYS N   CA   sing N N 165 
LYS N   H    sing N N 166 
LYS N   H2   sing N N 167 
LYS CA  C    sing N N 168 
LYS CA  CB   sing N N 169 
LYS CA  HA   sing N N 170 
LYS C   O    doub N N 171 
LYS C   OXT  sing N N 172 
LYS CB  CG   sing N N 173 
LYS CB  HB2  sing N N 174 
LYS CB  HB3  sing N N 175 
LYS CG  CD   sing N N 176 
LYS CG  HG2  sing N N 177 
LYS CG  HG3  sing N N 178 
LYS CD  CE   sing N N 179 
LYS CD  HD2  sing N N 180 
LYS CD  HD3  sing N N 181 
LYS CE  NZ   sing N N 182 
LYS CE  HE2  sing N N 183 
LYS CE  HE3  sing N N 184 
LYS NZ  HZ1  sing N N 185 
LYS NZ  HZ2  sing N N 186 
LYS NZ  HZ3  sing N N 187 
LYS OXT HXT  sing N N 188 
MET N   CA   sing N N 189 
MET N   H    sing N N 190 
MET N   H2   sing N N 191 
MET CA  C    sing N N 192 
MET CA  CB   sing N N 193 
MET CA  HA   sing N N 194 
MET C   O    doub N N 195 
MET C   OXT  sing N N 196 
MET CB  CG   sing N N 197 
MET CB  HB2  sing N N 198 
MET CB  HB3  sing N N 199 
MET CG  SD   sing N N 200 
MET CG  HG2  sing N N 201 
MET CG  HG3  sing N N 202 
MET SD  CE   sing N N 203 
MET CE  HE1  sing N N 204 
MET CE  HE2  sing N N 205 
MET CE  HE3  sing N N 206 
MET OXT HXT  sing N N 207 
PHE N   CA   sing N N 208 
PHE N   H    sing N N 209 
PHE N   H2   sing N N 210 
PHE CA  C    sing N N 211 
PHE CA  CB   sing N N 212 
PHE CA  HA   sing N N 213 
PHE C   O    doub N N 214 
PHE C   OXT  sing N N 215 
PHE CB  CG   sing N N 216 
PHE CB  HB2  sing N N 217 
PHE CB  HB3  sing N N 218 
PHE CG  CD1  doub Y N 219 
PHE CG  CD2  sing Y N 220 
PHE CD1 CE1  sing Y N 221 
PHE CD1 HD1  sing N N 222 
PHE CD2 CE2  doub Y N 223 
PHE CD2 HD2  sing N N 224 
PHE CE1 CZ   doub Y N 225 
PHE CE1 HE1  sing N N 226 
PHE CE2 CZ   sing Y N 227 
PHE CE2 HE2  sing N N 228 
PHE CZ  HZ   sing N N 229 
PHE OXT HXT  sing N N 230 
SER N   CA   sing N N 231 
SER N   H    sing N N 232 
SER N   H2   sing N N 233 
SER CA  C    sing N N 234 
SER CA  CB   sing N N 235 
SER CA  HA   sing N N 236 
SER C   O    doub N N 237 
SER C   OXT  sing N N 238 
SER CB  OG   sing N N 239 
SER CB  HB2  sing N N 240 
SER CB  HB3  sing N N 241 
SER OG  HG   sing N N 242 
SER OXT HXT  sing N N 243 
TYR N   CA   sing N N 244 
TYR N   H    sing N N 245 
TYR N   H2   sing N N 246 
TYR CA  C    sing N N 247 
TYR CA  CB   sing N N 248 
TYR CA  HA   sing N N 249 
TYR C   O    doub N N 250 
TYR C   OXT  sing N N 251 
TYR CB  CG   sing N N 252 
TYR CB  HB2  sing N N 253 
TYR CB  HB3  sing N N 254 
TYR CG  CD1  doub Y N 255 
TYR CG  CD2  sing Y N 256 
TYR CD1 CE1  sing Y N 257 
TYR CD1 HD1  sing N N 258 
TYR CD2 CE2  doub Y N 259 
TYR CD2 HD2  sing N N 260 
TYR CE1 CZ   doub Y N 261 
TYR CE1 HE1  sing N N 262 
TYR CE2 CZ   sing Y N 263 
TYR CE2 HE2  sing N N 264 
TYR CZ  OH   sing N N 265 
TYR OH  HH   sing N N 266 
TYR OXT HXT  sing N N 267 
VAL N   CA   sing N N 268 
VAL N   H    sing N N 269 
VAL N   H2   sing N N 270 
VAL CA  C    sing N N 271 
VAL CA  CB   sing N N 272 
VAL CA  HA   sing N N 273 
VAL C   O    doub N N 274 
VAL C   OXT  sing N N 275 
VAL CB  CG1  sing N N 276 
VAL CB  CG2  sing N N 277 
VAL CB  HB   sing N N 278 
VAL CG1 HG11 sing N N 279 
VAL CG1 HG12 sing N N 280 
VAL CG1 HG13 sing N N 281 
VAL CG2 HG21 sing N N 282 
VAL CG2 HG22 sing N N 283 
VAL CG2 HG23 sing N N 284 
VAL OXT HXT  sing N N 285 
# 
_pdbx_entity_nonpoly.entity_id   2 
_pdbx_entity_nonpoly.name        water 
_pdbx_entity_nonpoly.comp_id     HOH 
# 
_pdbx_initial_refinement_model.id               1 
_pdbx_initial_refinement_model.entity_id_list   ? 
_pdbx_initial_refinement_model.type             'experimental model' 
_pdbx_initial_refinement_model.source_name      PDB 
_pdbx_initial_refinement_model.accession_code   1ZIJ 
_pdbx_initial_refinement_model.details          'PDB ENTRY 1ZIJ' 
# 
